data_1S4O
#
_entry.id   1S4O
#
_cell.length_a   60.694
_cell.length_b   101.068
_cell.length_c   62.036
_cell.angle_alpha   90.00
_cell.angle_beta   98.81
_cell.angle_gamma   90.00
#
_symmetry.space_group_name_H-M   'P 1 21 1'
#
loop_
_entity.id
_entity.type
_entity.pdbx_description
1 polymer 'Glycolipid 2-alpha-mannosyltransferase'
2 branched alpha-D-mannopyranose-(1-2)-alpha-D-mannopyranose-(1-3)-[alpha-D-mannopyranose-(1-3)-[alpha-D-mannopyranose-(1-6)]alpha-D-mannopyranose-(1-6)]beta-D-mannopyranose-(1-4)-2-acetamido-2-deoxy-alpha-D-glucopyranose-(1-4)-2-acetamido-2-deoxy-beta-D-glucopyranose
3 branched 2-acetamido-2-deoxy-alpha-D-glucopyranose-(1-4)-2-acetamido-2-deoxy-beta-D-glucopyranose
4 non-polymer 'MANGANESE (II) ION'
5 non-polymer 'CHLORIDE ION'
6 non-polymer "GUANOSINE-5'-DIPHOSPHATE"
7 non-polymer '4-(2-HYDROXYETHYL)-1-PIPERAZINE ETHANESULFONIC ACID'
8 water water
#
_entity_poly.entity_id   1
_entity_poly.type   'polypeptide(L)'
_entity_poly.pdbx_seq_one_letter_code
;EFADAPIDTKTTMDYITPSFANKAGKPKACYVTLVRNKELKGLLSSIKYVENKINKKFPYPWVFLNDEPFTEEFKEAVTK
AVSSEVKFGILPKEHWSYPEWINQTKAAEIRADAATKYIYGGSESYRHMCRYQSGFFWRHELLEEYDWYWRVEPDIKLYC
DINYDVFKWMQENEKVYGFTVSIHEYEVTIPTLWQTSMDFIKKNPEYLDENNLMSFLSNDNGKTYNLCHFWSNFEIANLN
LWRSPAYREYFDTLDHQGGFFYERWGDAPVHSIAAALFLPKDKIHYFSDIGYHHPPYDNCPLDKEVYNSNNCECDQGNDF
TFQGYSCGKEYYDAQGLVKPKNWKKFRE
;
_entity_poly.pdbx_strand_id   A,B
#
# COMPACT_ATOMS: atom_id res chain seq x y z
N LYS A 10 4.47 23.63 35.58
CA LYS A 10 5.18 22.44 35.05
C LYS A 10 4.61 22.03 33.68
N THR A 11 5.29 22.50 32.62
CA THR A 11 4.90 22.25 31.24
C THR A 11 5.15 20.84 30.73
N THR A 12 4.68 20.59 29.52
CA THR A 12 4.83 19.28 28.91
C THR A 12 6.30 18.86 28.89
N MET A 13 7.18 19.75 28.43
CA MET A 13 8.60 19.42 28.40
C MET A 13 9.15 19.08 29.77
N ASP A 14 8.61 19.72 30.82
CA ASP A 14 9.07 19.44 32.17
C ASP A 14 8.90 17.96 32.51
N TYR A 15 7.89 17.32 31.93
CA TYR A 15 7.66 15.90 32.17
C TYR A 15 8.61 15.01 31.37
N ILE A 16 9.25 15.60 30.36
CA ILE A 16 10.17 14.89 29.48
C ILE A 16 11.67 15.10 29.76
N THR A 17 12.08 16.33 30.06
CA THR A 17 13.50 16.62 30.29
C THR A 17 14.25 15.74 31.31
N PRO A 18 13.56 15.24 32.34
CA PRO A 18 14.32 14.40 33.28
C PRO A 18 14.97 13.22 32.58
N SER A 19 14.23 12.57 31.68
CA SER A 19 14.76 11.41 30.95
C SER A 19 15.87 11.76 30.00
N PHE A 20 16.22 13.05 29.93
CA PHE A 20 17.31 13.52 29.10
C PHE A 20 18.60 13.58 29.93
N GLY A 25 23.16 4.73 33.05
CA GLY A 25 23.69 5.60 31.94
C GLY A 25 23.11 5.25 30.58
N LYS A 26 22.60 4.03 30.46
CA LYS A 26 22.00 3.55 29.21
C LYS A 26 20.50 3.85 29.23
N PRO A 27 19.95 4.41 28.13
CA PRO A 27 18.52 4.72 28.12
C PRO A 27 17.61 3.52 28.34
N LYS A 28 16.51 3.74 29.07
CA LYS A 28 15.55 2.66 29.32
C LYS A 28 14.62 2.62 28.12
N ALA A 29 14.84 1.65 27.23
CA ALA A 29 14.04 1.55 26.03
C ALA A 29 13.69 0.13 25.62
N CYS A 30 12.75 0.03 24.67
CA CYS A 30 12.30 -1.25 24.15
C CYS A 30 11.68 -1.08 22.75
N TYR A 31 11.57 -2.19 22.03
CA TYR A 31 10.89 -2.20 20.73
C TYR A 31 9.50 -2.62 21.22
N VAL A 32 8.44 -2.20 20.54
CA VAL A 32 7.11 -2.64 20.96
C VAL A 32 6.34 -3.05 19.72
N THR A 33 5.65 -4.19 19.83
CA THR A 33 4.89 -4.68 18.71
C THR A 33 3.51 -5.20 19.10
N LEU A 34 2.47 -4.60 18.54
CA LEU A 34 1.10 -5.09 18.78
C LEU A 34 0.87 -5.98 17.54
N VAL A 35 0.55 -7.25 17.73
CA VAL A 35 0.40 -8.17 16.59
C VAL A 35 -0.56 -9.35 16.82
N ARG A 36 -1.08 -9.91 15.72
CA ARG A 36 -1.99 -11.06 15.77
C ARG A 36 -1.25 -12.40 15.57
N ASN A 37 -1.80 -13.47 16.15
CA ASN A 37 -1.18 -14.79 16.03
C ASN A 37 -1.04 -15.21 14.56
N LYS A 38 -2.06 -14.90 13.76
CA LYS A 38 -2.04 -15.29 12.35
C LYS A 38 -1.13 -14.46 11.44
N GLU A 39 -0.29 -13.62 12.03
CA GLU A 39 0.64 -12.78 11.26
C GLU A 39 2.07 -13.17 11.59
N LEU A 40 2.23 -14.38 12.12
CA LEU A 40 3.55 -14.88 12.50
C LEU A 40 4.59 -14.81 11.39
N LYS A 41 4.29 -15.31 10.19
CA LYS A 41 5.32 -15.28 9.15
C LYS A 41 5.79 -13.87 8.79
N GLY A 42 4.88 -12.90 8.78
CA GLY A 42 5.28 -11.54 8.45
C GLY A 42 6.03 -10.90 9.61
N LEU A 43 5.76 -11.34 10.84
CA LEU A 43 6.44 -10.81 12.01
C LEU A 43 7.88 -11.34 12.06
N LEU A 44 8.03 -12.64 11.76
CA LEU A 44 9.34 -13.27 11.77
C LEU A 44 10.24 -12.58 10.77
N SER A 45 9.68 -12.20 9.62
CA SER A 45 10.45 -11.50 8.59
C SER A 45 10.90 -10.12 9.11
N SER A 46 10.04 -9.42 9.83
CA SER A 46 10.42 -8.10 10.38
C SER A 46 11.52 -8.25 11.42
N ILE A 47 11.37 -9.23 12.29
CA ILE A 47 12.34 -9.50 13.34
C ILE A 47 13.73 -9.74 12.70
N LYS A 48 13.76 -10.53 11.64
CA LYS A 48 15.01 -10.83 10.97
C LYS A 48 15.68 -9.52 10.50
N TYR A 49 14.88 -8.59 10.03
CA TYR A 49 15.42 -7.31 9.57
C TYR A 49 15.96 -6.49 10.74
N VAL A 50 15.18 -6.39 11.82
CA VAL A 50 15.62 -5.64 12.98
C VAL A 50 16.90 -6.27 13.56
N GLU A 51 16.92 -7.58 13.67
CA GLU A 51 18.08 -8.29 14.20
C GLU A 51 19.35 -8.05 13.40
N ASN A 52 19.28 -8.24 12.09
CA ASN A 52 20.45 -8.06 11.25
C ASN A 52 20.89 -6.61 11.08
N LYS A 53 19.94 -5.68 11.11
CA LYS A 53 20.31 -4.28 10.91
C LYS A 53 20.72 -3.47 12.15
N ILE A 54 20.25 -3.85 13.32
CA ILE A 54 20.64 -3.09 14.51
C ILE A 54 20.61 -3.81 15.84
N ASN A 55 19.66 -4.73 16.02
CA ASN A 55 19.55 -5.37 17.32
C ASN A 55 20.71 -6.24 17.79
N LYS A 56 21.43 -6.86 16.87
CA LYS A 56 22.59 -7.66 17.27
C LYS A 56 23.65 -6.67 17.79
N LYS A 57 23.73 -5.50 17.17
CA LYS A 57 24.72 -4.49 17.59
C LYS A 57 24.40 -3.75 18.88
N PHE A 58 23.16 -3.32 19.03
CA PHE A 58 22.74 -2.59 20.23
C PHE A 58 21.46 -3.21 20.72
N PRO A 59 21.59 -4.27 21.53
CA PRO A 59 20.45 -5.00 22.09
C PRO A 59 19.55 -4.27 23.05
N TYR A 60 18.26 -4.42 22.82
CA TYR A 60 17.24 -3.82 23.66
C TYR A 60 16.10 -4.82 23.72
N PRO A 61 15.42 -4.90 24.86
CA PRO A 61 14.32 -5.87 25.00
C PRO A 61 13.17 -5.56 24.04
N TRP A 62 12.46 -6.61 23.65
CA TRP A 62 11.36 -6.50 22.70
C TRP A 62 10.03 -6.88 23.33
N VAL A 63 9.10 -5.94 23.39
CA VAL A 63 7.78 -6.18 23.95
C VAL A 63 6.74 -6.53 22.88
N PHE A 64 6.08 -7.68 23.04
CA PHE A 64 5.04 -8.13 22.11
C PHE A 64 3.66 -8.11 22.78
N LEU A 65 2.69 -7.44 22.15
CA LEU A 65 1.34 -7.30 22.70
C LEU A 65 0.25 -7.87 21.78
N ASN A 66 -0.78 -8.44 22.38
CA ASN A 66 -1.89 -8.99 21.60
C ASN A 66 -3.19 -8.79 22.39
N ASP A 67 -4.30 -8.52 21.71
CA ASP A 67 -5.56 -8.34 22.40
C ASP A 67 -6.09 -9.72 22.82
N GLU A 68 -5.59 -10.77 22.18
CA GLU A 68 -5.93 -12.16 22.51
C GLU A 68 -4.63 -12.82 22.98
N PRO A 69 -4.70 -13.98 23.63
CA PRO A 69 -3.43 -14.58 24.05
C PRO A 69 -2.61 -15.17 22.90
N PHE A 70 -1.29 -15.04 23.00
CA PHE A 70 -0.36 -15.58 22.00
C PHE A 70 -0.34 -17.10 22.15
N THR A 71 -0.26 -17.82 21.03
CA THR A 71 -0.18 -19.28 21.07
C THR A 71 1.25 -19.67 21.45
N GLU A 72 1.42 -20.92 21.88
CA GLU A 72 2.75 -21.38 22.25
C GLU A 72 3.62 -21.43 21.01
N GLU A 73 3.02 -21.74 19.86
CA GLU A 73 3.77 -21.81 18.61
C GLU A 73 4.32 -20.42 18.27
N PHE A 74 3.50 -19.40 18.48
CA PHE A 74 3.91 -18.03 18.20
C PHE A 74 5.08 -17.63 19.12
N LYS A 75 4.93 -17.87 20.42
CA LYS A 75 5.97 -17.51 21.38
C LYS A 75 7.28 -18.25 21.16
N GLU A 76 7.21 -19.53 20.85
CA GLU A 76 8.42 -20.29 20.63
C GLU A 76 9.18 -19.76 19.42
N ALA A 77 8.46 -19.49 18.33
CA ALA A 77 9.11 -18.99 17.15
C ALA A 77 9.70 -17.59 17.36
N VAL A 78 8.98 -16.72 18.05
CA VAL A 78 9.46 -15.36 18.29
C VAL A 78 10.67 -15.32 19.25
N THR A 79 10.60 -16.09 20.32
CA THR A 79 11.68 -16.13 21.29
C THR A 79 12.96 -16.60 20.64
N LYS A 80 12.83 -17.59 19.77
CA LYS A 80 13.97 -18.14 19.07
C LYS A 80 14.59 -17.15 18.07
N ALA A 81 13.74 -16.38 17.39
CA ALA A 81 14.19 -15.42 16.40
C ALA A 81 14.81 -14.14 16.95
N VAL A 82 14.44 -13.75 18.16
CA VAL A 82 14.97 -12.51 18.76
C VAL A 82 16.21 -12.79 19.63
N SER A 83 17.30 -12.06 19.41
CA SER A 83 18.54 -12.28 20.18
C SER A 83 18.59 -11.61 21.56
N SER A 84 17.84 -10.53 21.75
CA SER A 84 17.82 -9.88 23.06
C SER A 84 16.61 -10.42 23.83
N GLU A 85 16.30 -9.79 24.96
CA GLU A 85 15.17 -10.24 25.78
C GLU A 85 13.82 -9.92 25.13
N VAL A 86 12.89 -10.88 25.23
CA VAL A 86 11.56 -10.72 24.68
C VAL A 86 10.54 -10.80 25.81
N LYS A 87 9.46 -10.06 25.67
CA LYS A 87 8.39 -10.07 26.67
C LYS A 87 7.05 -10.10 25.94
N PHE A 88 6.16 -11.00 26.37
CA PHE A 88 4.86 -11.13 25.75
C PHE A 88 3.78 -10.66 26.71
N GLY A 89 2.86 -9.85 26.22
CA GLY A 89 1.80 -9.37 27.08
C GLY A 89 0.44 -9.36 26.42
N ILE A 90 -0.60 -9.52 27.22
CA ILE A 90 -1.95 -9.44 26.70
C ILE A 90 -2.42 -8.11 27.23
N LEU A 91 -3.26 -7.40 26.48
CA LEU A 91 -3.70 -6.12 26.96
C LEU A 91 -5.05 -6.20 27.68
N PRO A 92 -5.28 -5.29 28.63
CA PRO A 92 -6.50 -5.20 29.45
C PRO A 92 -7.77 -5.03 28.63
N LYS A 93 -8.85 -5.66 29.09
CA LYS A 93 -10.14 -5.55 28.40
C LYS A 93 -10.53 -4.08 28.26
N GLU A 94 -10.17 -3.26 29.24
CA GLU A 94 -10.52 -1.84 29.23
C GLU A 94 -9.84 -1.03 28.14
N HIS A 95 -8.79 -1.60 27.54
CA HIS A 95 -8.04 -0.90 26.48
C HIS A 95 -8.39 -1.42 25.08
N TRP A 96 -9.41 -2.28 25.01
CA TRP A 96 -9.82 -2.89 23.75
C TRP A 96 -11.26 -3.36 23.90
N SER A 97 -12.17 -2.38 23.96
CA SER A 97 -13.60 -2.61 24.11
C SER A 97 -14.32 -1.26 24.00
N TYR A 98 -15.60 -1.28 23.62
CA TYR A 98 -16.33 -0.03 23.49
C TYR A 98 -16.50 0.69 24.83
N PRO A 99 -16.32 2.03 24.82
CA PRO A 99 -16.47 2.87 26.03
C PRO A 99 -17.99 2.94 26.29
N GLU A 100 -18.40 3.19 27.53
CA GLU A 100 -19.83 3.23 27.81
C GLU A 100 -20.60 4.31 27.06
N TRP A 101 -19.91 5.39 26.70
CA TRP A 101 -20.59 6.48 26.02
C TRP A 101 -20.74 6.31 24.50
N ILE A 102 -20.28 5.18 23.94
CA ILE A 102 -20.40 4.97 22.49
C ILE A 102 -21.63 4.15 22.13
N ASN A 103 -22.38 4.65 21.13
CA ASN A 103 -23.59 4.01 20.63
C ASN A 103 -23.16 2.92 19.65
N GLN A 104 -23.22 1.66 20.07
CA GLN A 104 -22.79 0.57 19.21
C GLN A 104 -23.66 0.32 17.98
N THR A 105 -24.96 0.55 18.09
CA THR A 105 -25.81 0.37 16.93
C THR A 105 -25.38 1.38 15.86
N LYS A 106 -25.07 2.58 16.31
CA LYS A 106 -24.62 3.63 15.39
C LYS A 106 -23.28 3.22 14.81
N ALA A 107 -22.41 2.70 15.66
CA ALA A 107 -21.09 2.27 15.20
C ALA A 107 -21.21 1.14 14.17
N ALA A 108 -22.15 0.22 14.40
CA ALA A 108 -22.33 -0.89 13.50
C ALA A 108 -22.80 -0.44 12.13
N GLU A 109 -23.73 0.52 12.07
CA GLU A 109 -24.24 1.04 10.78
C GLU A 109 -23.12 1.75 10.01
N ILE A 110 -22.31 2.54 10.73
CA ILE A 110 -21.20 3.25 10.11
C ILE A 110 -20.27 2.22 9.44
N ARG A 111 -19.97 1.13 10.16
CA ARG A 111 -19.11 0.07 9.62
C ARG A 111 -19.72 -0.52 8.34
N ALA A 112 -20.96 -0.99 8.43
CA ALA A 112 -21.64 -1.59 7.29
C ALA A 112 -21.66 -0.67 6.06
N ASP A 113 -21.95 0.60 6.29
CA ASP A 113 -22.01 1.57 5.21
C ASP A 113 -20.63 1.88 4.63
N ALA A 114 -19.59 1.80 5.45
CA ALA A 114 -18.24 2.13 4.98
C ALA A 114 -17.41 0.91 4.56
N ALA A 115 -18.00 -0.28 4.62
CA ALA A 115 -17.26 -1.50 4.26
C ALA A 115 -16.47 -1.37 2.96
N THR A 116 -17.15 -0.92 1.91
CA THR A 116 -16.51 -0.77 0.60
C THR A 116 -16.07 0.66 0.27
N LYS A 117 -16.24 1.59 1.20
CA LYS A 117 -15.90 3.01 0.95
C LYS A 117 -14.43 3.37 1.13
N TYR A 118 -13.77 2.76 2.10
CA TYR A 118 -12.36 3.03 2.34
C TYR A 118 -11.75 1.87 3.09
N ILE A 119 -10.43 1.75 3.01
CA ILE A 119 -9.75 0.65 3.65
C ILE A 119 -10.07 0.53 5.14
N TYR A 120 -10.44 -0.68 5.55
CA TYR A 120 -10.83 -1.01 6.90
C TYR A 120 -12.12 -0.32 7.30
N GLY A 121 -12.83 0.22 6.31
CA GLY A 121 -14.05 0.92 6.61
C GLY A 121 -15.07 0.09 7.39
N GLY A 122 -15.14 -1.19 7.10
CA GLY A 122 -16.10 -2.04 7.78
C GLY A 122 -15.50 -2.84 8.92
N SER A 123 -14.22 -2.60 9.24
CA SER A 123 -13.58 -3.36 10.29
C SER A 123 -13.77 -2.90 11.73
N GLU A 124 -14.33 -3.79 12.54
CA GLU A 124 -14.54 -3.49 13.94
C GLU A 124 -13.20 -3.56 14.68
N SER A 125 -12.44 -4.63 14.48
CA SER A 125 -11.17 -4.74 15.18
C SER A 125 -10.16 -3.65 14.84
N TYR A 126 -10.14 -3.19 13.60
CA TYR A 126 -9.19 -2.14 13.22
C TYR A 126 -9.38 -0.85 14.02
N ARG A 127 -10.62 -0.48 14.32
CA ARG A 127 -10.85 0.75 15.09
C ARG A 127 -10.39 0.60 16.55
N HIS A 128 -10.59 -0.59 17.12
CA HIS A 128 -10.13 -0.81 18.48
C HIS A 128 -8.62 -0.68 18.49
N MET A 129 -7.97 -1.14 17.41
CA MET A 129 -6.52 -1.07 17.31
C MET A 129 -6.05 0.40 17.25
N CYS A 130 -6.74 1.23 16.48
CA CYS A 130 -6.35 2.64 16.37
C CYS A 130 -6.49 3.33 17.72
N ARG A 131 -7.58 3.05 18.43
CA ARG A 131 -7.80 3.65 19.73
C ARG A 131 -6.71 3.17 20.69
N TYR A 132 -6.34 1.91 20.55
CA TYR A 132 -5.33 1.32 21.41
C TYR A 132 -3.99 1.99 21.22
N GLN A 133 -3.59 2.16 19.97
CA GLN A 133 -2.31 2.78 19.70
C GLN A 133 -2.33 4.27 20.08
N SER A 134 -3.51 4.89 20.10
CA SER A 134 -3.59 6.30 20.45
C SER A 134 -3.52 6.55 21.96
N GLY A 135 -4.32 5.82 22.73
CA GLY A 135 -4.33 6.09 24.16
C GLY A 135 -3.92 5.05 25.18
N PHE A 136 -3.55 3.84 24.74
CA PHE A 136 -3.23 2.80 25.70
C PHE A 136 -1.91 2.02 25.65
N PHE A 137 -1.34 1.82 24.47
CA PHE A 137 -0.12 1.02 24.38
C PHE A 137 0.99 1.54 25.28
N TRP A 138 1.06 2.86 25.40
CA TRP A 138 2.09 3.53 26.21
C TRP A 138 1.93 3.45 27.71
N ARG A 139 0.86 2.81 28.17
CA ARG A 139 0.67 2.63 29.60
C ARG A 139 0.37 1.17 29.89
N HIS A 140 0.75 0.31 28.95
CA HIS A 140 0.57 -1.13 29.19
C HIS A 140 1.56 -1.37 30.31
N GLU A 141 1.30 -2.36 31.16
CA GLU A 141 2.21 -2.61 32.27
C GLU A 141 3.66 -2.88 31.87
N LEU A 142 3.87 -3.51 30.71
CA LEU A 142 5.23 -3.85 30.29
C LEU A 142 6.07 -2.67 29.79
N LEU A 143 5.46 -1.51 29.61
CA LEU A 143 6.23 -0.38 29.13
C LEU A 143 6.51 0.68 30.21
N GLU A 144 6.01 0.44 31.42
CA GLU A 144 6.19 1.44 32.46
C GLU A 144 7.62 1.73 32.87
N GLU A 145 8.49 0.73 32.89
CA GLU A 145 9.89 0.96 33.28
C GLU A 145 10.73 1.65 32.19
N TYR A 146 10.15 1.84 31.01
CA TYR A 146 10.88 2.46 29.92
C TYR A 146 10.54 3.92 29.69
N ASP A 147 11.46 4.63 29.03
CA ASP A 147 11.26 6.04 28.69
C ASP A 147 11.10 6.16 27.18
N TRP A 148 11.65 5.17 26.47
CA TRP A 148 11.61 5.17 25.01
C TRP A 148 11.09 3.87 24.41
N TYR A 149 10.53 3.97 23.21
CA TYR A 149 10.03 2.80 22.51
C TYR A 149 10.20 2.99 21.02
N TRP A 150 10.35 1.87 20.33
CA TRP A 150 10.52 1.83 18.88
C TRP A 150 9.48 0.83 18.37
N ARG A 151 8.41 1.34 17.77
CA ARG A 151 7.34 0.49 17.26
C ARG A 151 7.73 -0.25 15.98
N VAL A 152 7.45 -1.55 15.96
CA VAL A 152 7.76 -2.39 14.83
C VAL A 152 6.54 -3.21 14.41
N GLU A 153 6.19 -3.18 13.13
CA GLU A 153 5.05 -3.96 12.66
C GLU A 153 5.50 -5.14 11.80
N PRO A 154 4.61 -6.10 11.57
CA PRO A 154 5.04 -7.23 10.74
C PRO A 154 5.08 -6.80 9.26
N ASP A 155 5.81 -7.57 8.45
CA ASP A 155 5.93 -7.34 7.02
C ASP A 155 6.67 -6.05 6.67
N ILE A 156 7.55 -5.65 7.57
CA ILE A 156 8.38 -4.46 7.42
C ILE A 156 9.78 -4.82 6.92
N LYS A 157 10.50 -3.85 6.39
CA LYS A 157 11.87 -4.06 5.92
C LYS A 157 12.74 -2.91 6.43
N LEU A 158 13.97 -3.25 6.84
CA LEU A 158 14.96 -2.25 7.22
C LEU A 158 15.98 -2.49 6.09
N TYR A 159 16.05 -1.55 5.16
CA TYR A 159 16.94 -1.67 4.02
C TYR A 159 18.43 -1.41 4.27
N CYS A 160 18.78 -0.79 5.39
CA CYS A 160 20.19 -0.45 5.66
C CYS A 160 20.69 -0.80 7.06
N ASP A 161 22.01 -0.85 7.20
CA ASP A 161 22.63 -1.11 8.51
C ASP A 161 22.39 0.17 9.32
N ILE A 162 22.30 0.03 10.63
CA ILE A 162 22.16 1.18 11.51
C ILE A 162 23.31 0.93 12.47
N ASN A 163 24.31 1.78 12.42
CA ASN A 163 25.49 1.58 13.23
C ASN A 163 25.67 2.34 14.51
N TYR A 164 24.58 2.92 15.02
CA TYR A 164 24.65 3.64 16.28
C TYR A 164 23.36 3.34 17.03
N ASP A 165 23.42 3.46 18.34
CA ASP A 165 22.27 3.22 19.19
C ASP A 165 21.32 4.40 18.99
N VAL A 166 20.13 4.16 18.46
CA VAL A 166 19.19 5.24 18.20
C VAL A 166 18.59 5.84 19.46
N PHE A 167 18.30 5.01 20.45
CA PHE A 167 17.74 5.51 21.70
C PHE A 167 18.77 6.43 22.36
N LYS A 168 20.02 5.98 22.39
CA LYS A 168 21.11 6.75 22.96
C LYS A 168 21.16 8.08 22.23
N TRP A 169 21.08 8.03 20.91
CA TRP A 169 21.13 9.23 20.10
C TRP A 169 20.01 10.21 20.45
N MET A 170 18.78 9.69 20.53
CA MET A 170 17.62 10.50 20.86
C MET A 170 17.86 11.18 22.21
N GLN A 171 18.31 10.39 23.18
CA GLN A 171 18.59 10.87 24.53
C GLN A 171 19.63 11.99 24.58
N GLU A 172 20.77 11.77 23.92
CA GLU A 172 21.84 12.77 23.91
C GLU A 172 21.44 14.05 23.18
N ASN A 173 20.63 13.92 22.15
CA ASN A 173 20.23 15.06 21.36
C ASN A 173 18.91 15.67 21.79
N GLU A 174 18.35 15.16 22.88
CA GLU A 174 17.10 15.70 23.40
C GLU A 174 15.97 15.73 22.38
N LYS A 175 15.78 14.64 21.65
CA LYS A 175 14.68 14.56 20.68
C LYS A 175 13.58 13.74 21.34
N VAL A 176 12.34 14.08 21.03
CA VAL A 176 11.19 13.42 21.61
C VAL A 176 10.48 12.43 20.68
N TYR A 177 10.22 12.85 19.43
CA TYR A 177 9.48 11.99 18.48
C TYR A 177 10.28 11.76 17.20
N GLY A 178 10.56 10.50 16.88
CA GLY A 178 11.30 10.19 15.66
C GLY A 178 10.47 9.41 14.64
N PHE A 179 10.54 9.79 13.36
CA PHE A 179 9.76 9.10 12.32
C PHE A 179 10.51 8.93 10.99
N THR A 180 9.93 8.16 10.06
CA THR A 180 10.53 7.94 8.74
C THR A 180 9.62 8.28 7.57
N VAL A 181 8.35 7.86 7.61
CA VAL A 181 7.41 8.15 6.52
C VAL A 181 6.26 9.09 6.93
N SER A 182 5.94 10.05 6.08
CA SER A 182 4.82 10.97 6.33
C SER A 182 3.84 10.92 5.14
N ILE A 183 2.58 11.29 5.34
CA ILE A 183 1.63 11.21 4.24
C ILE A 183 0.32 11.96 4.56
N HIS A 184 -0.48 12.22 3.52
CA HIS A 184 -1.77 12.89 3.69
C HIS A 184 -2.84 11.83 3.97
N GLU A 185 -3.57 12.03 5.05
CA GLU A 185 -4.61 11.08 5.45
C GLU A 185 -5.83 11.19 4.54
N TYR A 186 -6.60 10.11 4.44
CA TYR A 186 -7.82 10.13 3.64
C TYR A 186 -8.82 10.84 4.56
N GLU A 187 -9.25 12.03 4.19
CA GLU A 187 -10.16 12.80 5.04
C GLU A 187 -11.50 12.13 5.42
N VAL A 188 -12.08 11.35 4.52
CA VAL A 188 -13.35 10.65 4.78
C VAL A 188 -13.23 9.82 6.04
N THR A 189 -11.98 9.58 6.41
CA THR A 189 -11.59 8.79 7.57
C THR A 189 -11.54 9.59 8.91
N ILE A 190 -11.34 10.90 8.80
CA ILE A 190 -11.22 11.79 9.95
C ILE A 190 -11.94 13.13 9.80
N PRO A 191 -13.18 13.14 9.25
CA PRO A 191 -13.97 14.36 9.05
C PRO A 191 -13.94 15.41 10.16
N THR A 192 -14.17 14.99 11.40
CA THR A 192 -14.19 15.94 12.52
C THR A 192 -12.98 15.93 13.46
N LEU A 193 -11.88 15.26 13.08
CA LEU A 193 -10.69 15.22 13.95
C LEU A 193 -10.08 16.61 14.16
N TRP A 194 -9.92 17.37 13.09
CA TRP A 194 -9.30 18.70 13.21
C TRP A 194 -10.12 19.63 14.12
N GLN A 195 -11.40 19.75 13.83
CA GLN A 195 -12.31 20.59 14.61
C GLN A 195 -12.19 20.21 16.09
N THR A 196 -12.25 18.91 16.39
CA THR A 196 -12.15 18.42 17.75
C THR A 196 -10.83 18.84 18.39
N SER A 197 -9.74 18.74 17.64
CA SER A 197 -8.42 19.09 18.14
C SER A 197 -8.24 20.59 18.37
N MET A 198 -8.77 21.40 17.46
CA MET A 198 -8.66 22.85 17.60
C MET A 198 -9.48 23.37 18.76
N ASP A 199 -10.62 22.74 19.03
CA ASP A 199 -11.45 23.15 20.15
C ASP A 199 -10.69 22.85 21.46
N PHE A 200 -9.99 21.73 21.48
CA PHE A 200 -9.20 21.32 22.64
C PHE A 200 -8.14 22.37 22.96
N ILE A 201 -7.44 22.82 21.92
CA ILE A 201 -6.39 23.82 22.07
C ILE A 201 -6.94 25.19 22.50
N LYS A 202 -8.12 25.56 22.00
CA LYS A 202 -8.71 26.84 22.39
C LYS A 202 -9.05 26.80 23.86
N LYS A 203 -9.51 25.65 24.32
CA LYS A 203 -9.86 25.45 25.71
C LYS A 203 -8.62 25.35 26.60
N ASN A 204 -7.52 24.84 26.05
CA ASN A 204 -6.28 24.65 26.81
C ASN A 204 -5.07 25.32 26.16
N PRO A 205 -5.10 26.65 25.99
CA PRO A 205 -4.01 27.41 25.37
C PRO A 205 -2.62 27.16 25.91
N GLU A 206 -2.52 26.76 27.18
CA GLU A 206 -1.21 26.50 27.76
C GLU A 206 -0.54 25.29 27.12
N TYR A 207 -1.33 24.40 26.55
CA TYR A 207 -0.77 23.21 25.93
C TYR A 207 -0.18 23.43 24.55
N LEU A 208 -0.54 24.54 23.92
CA LEU A 208 -0.02 24.84 22.58
C LEU A 208 1.37 25.46 22.75
N ASP A 209 2.41 24.73 22.34
CA ASP A 209 3.75 25.26 22.47
C ASP A 209 3.95 26.47 21.57
N GLU A 210 4.62 27.50 22.07
CA GLU A 210 4.83 28.70 21.27
C GLU A 210 5.70 28.46 20.05
N ASN A 211 6.47 27.37 20.08
CA ASN A 211 7.34 27.05 18.95
C ASN A 211 6.96 25.70 18.35
N ASN A 212 5.66 25.47 18.20
CA ASN A 212 5.09 24.23 17.65
C ASN A 212 5.27 24.07 16.14
N LEU A 213 4.96 22.88 15.63
CA LEU A 213 5.08 22.55 14.21
C LEU A 213 3.73 22.67 13.50
N MET A 214 2.93 23.67 13.84
CA MET A 214 1.64 23.85 13.19
C MET A 214 1.70 23.95 11.67
N SER A 215 2.75 24.60 11.14
CA SER A 215 2.84 24.76 9.70
C SER A 215 2.95 23.42 8.94
N PHE A 216 3.27 22.34 9.65
CA PHE A 216 3.34 21.03 9.01
C PHE A 216 1.92 20.50 8.82
N LEU A 217 1.07 20.81 9.80
CA LEU A 217 -0.33 20.39 9.82
C LEU A 217 -1.31 21.29 9.06
N SER A 218 -0.94 22.55 8.90
CA SER A 218 -1.83 23.50 8.27
C SER A 218 -1.11 24.54 7.43
N ASN A 219 -1.75 24.90 6.32
CA ASN A 219 -1.23 25.90 5.41
C ASN A 219 -1.98 27.23 5.65
N ASP A 220 -2.94 27.22 6.56
CA ASP A 220 -3.69 28.46 6.84
C ASP A 220 -3.72 28.86 8.30
N ASN A 221 -2.56 28.72 8.94
CA ASN A 221 -2.40 29.06 10.34
C ASN A 221 -3.41 28.40 11.27
N GLY A 222 -3.62 27.11 11.07
CA GLY A 222 -4.52 26.38 11.93
C GLY A 222 -5.99 26.34 11.59
N LYS A 223 -6.47 27.22 10.72
CA LYS A 223 -7.88 27.20 10.37
C LYS A 223 -8.29 25.81 9.88
N THR A 224 -7.60 25.26 8.89
CA THR A 224 -7.93 23.91 8.42
C THR A 224 -6.70 23.01 8.40
N TYR A 225 -6.96 21.69 8.36
CA TYR A 225 -5.93 20.64 8.35
C TYR A 225 -5.54 20.23 6.93
N ASN A 226 -4.24 20.18 6.63
CA ASN A 226 -3.83 19.76 5.30
C ASN A 226 -3.78 18.23 5.24
N LEU A 227 -4.11 17.59 6.36
CA LEU A 227 -4.18 16.12 6.48
C LEU A 227 -2.84 15.42 6.64
N CYS A 228 -1.76 16.20 6.72
CA CYS A 228 -0.42 15.65 6.89
C CYS A 228 -0.22 15.00 8.25
N HIS A 229 0.49 13.88 8.27
CA HIS A 229 0.79 13.23 9.53
C HIS A 229 1.98 12.31 9.33
N PHE A 230 2.53 11.83 10.45
CA PHE A 230 3.66 10.93 10.39
C PHE A 230 3.13 9.51 10.45
N TRP A 231 3.72 8.60 9.68
CA TRP A 231 3.29 7.21 9.69
C TRP A 231 3.59 6.64 11.07
N SER A 232 2.61 6.00 11.68
CA SER A 232 2.82 5.47 13.01
C SER A 232 3.46 4.10 13.05
N ASN A 233 3.44 3.34 11.96
CA ASN A 233 4.05 2.01 12.00
C ASN A 233 5.52 2.15 12.37
N PHE A 234 6.14 3.29 12.04
CA PHE A 234 7.51 3.50 12.44
C PHE A 234 7.58 4.69 13.38
N GLU A 235 7.93 4.42 14.64
CA GLU A 235 8.07 5.46 15.65
C GLU A 235 9.15 5.09 16.65
N ILE A 236 10.02 6.06 16.95
CA ILE A 236 11.05 5.87 17.96
C ILE A 236 10.77 7.15 18.73
N ALA A 237 10.14 7.00 19.89
CA ALA A 237 9.76 8.18 20.64
C ALA A 237 9.86 8.04 22.14
N ASN A 238 9.70 9.17 22.83
CA ASN A 238 9.74 9.25 24.28
C ASN A 238 8.33 9.04 24.87
N LEU A 239 8.19 7.99 25.68
CA LEU A 239 6.91 7.66 26.28
C LEU A 239 6.37 8.76 27.18
N ASN A 240 7.25 9.64 27.65
CA ASN A 240 6.83 10.71 28.53
C ASN A 240 5.99 11.77 27.82
N LEU A 241 5.99 11.75 26.50
CA LEU A 241 5.16 12.68 25.76
C LEU A 241 3.69 12.20 25.92
N TRP A 242 3.43 10.93 25.63
CA TRP A 242 2.09 10.38 25.72
C TRP A 242 1.60 10.44 27.16
N ARG A 243 2.51 10.29 28.11
CA ARG A 243 2.16 10.33 29.54
C ARG A 243 1.93 11.74 30.10
N SER A 244 2.23 12.77 29.32
CA SER A 244 2.05 14.14 29.79
C SER A 244 0.60 14.50 29.94
N PRO A 245 0.29 15.45 30.85
CA PRO A 245 -1.10 15.88 31.05
C PRO A 245 -1.69 16.33 29.72
N ALA A 246 -0.89 17.06 28.96
CA ALA A 246 -1.35 17.54 27.66
C ALA A 246 -1.89 16.39 26.80
N TYR A 247 -1.07 15.38 26.55
CA TYR A 247 -1.53 14.28 25.72
C TYR A 247 -2.66 13.47 26.31
N ARG A 248 -2.55 13.14 27.59
CA ARG A 248 -3.59 12.40 28.27
C ARG A 248 -4.94 13.09 28.09
N GLU A 249 -4.97 14.40 28.29
CA GLU A 249 -6.23 15.17 28.16
C GLU A 249 -6.71 15.28 26.70
N TYR A 250 -5.77 15.30 25.77
CA TYR A 250 -6.12 15.35 24.36
C TYR A 250 -6.81 14.02 23.98
N PHE A 251 -6.20 12.90 24.36
CA PHE A 251 -6.77 11.58 24.03
C PHE A 251 -8.17 11.42 24.61
N ASP A 252 -8.31 11.80 25.89
N ASP A 252 -8.31 11.80 25.89
CA ASP A 252 -9.59 11.68 26.57
CA ASP A 252 -9.60 11.69 26.57
C ASP A 252 -10.68 12.50 25.85
C ASP A 252 -10.67 12.48 25.81
N THR A 253 -10.29 13.65 25.31
CA THR A 253 -11.23 14.50 24.58
C THR A 253 -11.67 13.78 23.29
N LEU A 254 -10.69 13.20 22.57
CA LEU A 254 -10.96 12.47 21.33
C LEU A 254 -11.83 11.26 21.62
N ASP A 255 -11.51 10.58 22.70
CA ASP A 255 -12.25 9.39 23.12
C ASP A 255 -13.73 9.70 23.37
N HIS A 256 -13.98 10.80 24.07
CA HIS A 256 -15.35 11.18 24.36
C HIS A 256 -16.12 11.72 23.16
N GLN A 257 -15.39 12.29 22.19
CA GLN A 257 -16.04 12.82 20.99
C GLN A 257 -16.56 11.64 20.15
N GLY A 258 -15.84 10.52 20.19
CA GLY A 258 -16.28 9.33 19.47
C GLY A 258 -15.74 8.99 18.09
N GLY A 259 -14.90 9.85 17.53
CA GLY A 259 -14.34 9.62 16.21
C GLY A 259 -13.68 8.27 15.96
N PHE A 260 -13.09 7.68 16.98
CA PHE A 260 -12.45 6.38 16.76
C PHE A 260 -13.47 5.36 16.23
N PHE A 261 -14.73 5.52 16.65
CA PHE A 261 -15.77 4.58 16.25
C PHE A 261 -16.80 5.12 15.25
N TYR A 262 -17.15 6.40 15.34
CA TYR A 262 -18.13 6.97 14.41
C TYR A 262 -17.50 7.38 13.09
N GLU A 263 -16.16 7.42 13.05
CA GLU A 263 -15.43 7.72 11.82
C GLU A 263 -14.41 6.59 11.77
N ARG A 264 -13.13 6.85 11.48
CA ARG A 264 -12.12 5.78 11.52
C ARG A 264 -10.76 6.40 11.82
N TRP A 265 -10.74 7.18 12.90
CA TRP A 265 -9.54 7.87 13.34
C TRP A 265 -8.35 6.95 13.57
N GLY A 266 -7.29 7.16 12.82
CA GLY A 266 -6.09 6.36 13.00
C GLY A 266 -5.19 6.96 14.08
N ASP A 267 -4.37 6.12 14.70
CA ASP A 267 -3.49 6.60 15.73
C ASP A 267 -2.43 7.52 15.14
N ALA A 268 -2.10 7.34 13.85
CA ALA A 268 -1.05 8.14 13.23
C ALA A 268 -1.41 9.63 13.20
N PRO A 269 -2.59 10.00 12.67
CA PRO A 269 -2.88 11.43 12.68
C PRO A 269 -3.03 11.99 14.09
N VAL A 270 -3.47 11.14 15.02
CA VAL A 270 -3.62 11.56 16.41
C VAL A 270 -2.25 11.84 17.06
N HIS A 271 -1.31 10.90 16.96
CA HIS A 271 0.04 11.10 17.52
C HIS A 271 0.72 12.32 16.89
N SER A 272 0.50 12.49 15.58
CA SER A 272 1.13 13.56 14.86
C SER A 272 0.64 14.95 15.25
N ILE A 273 -0.68 15.13 15.31
CA ILE A 273 -1.27 16.42 15.68
C ILE A 273 -0.75 16.82 17.07
N ALA A 274 -0.67 15.85 17.99
CA ALA A 274 -0.18 16.11 19.34
C ALA A 274 1.30 16.46 19.36
N ALA A 275 2.12 15.69 18.64
CA ALA A 275 3.56 15.96 18.65
C ALA A 275 3.83 17.34 18.04
N ALA A 276 3.14 17.63 16.96
CA ALA A 276 3.30 18.88 16.25
C ALA A 276 2.75 20.10 16.97
N LEU A 277 1.82 19.92 17.90
CA LEU A 277 1.23 21.06 18.60
C LEU A 277 1.69 21.24 20.05
N PHE A 278 1.96 20.14 20.74
CA PHE A 278 2.36 20.19 22.13
C PHE A 278 3.86 20.34 22.41
N LEU A 279 4.68 20.24 21.37
CA LEU A 279 6.13 20.32 21.55
C LEU A 279 6.87 21.40 20.77
N PRO A 280 8.04 21.83 21.26
CA PRO A 280 8.78 22.84 20.51
C PRO A 280 9.16 21.99 19.29
N LYS A 281 9.06 22.53 18.08
CA LYS A 281 9.33 21.73 16.90
C LYS A 281 10.71 21.08 16.79
N ASP A 282 11.70 21.55 17.54
CA ASP A 282 13.02 20.94 17.45
C ASP A 282 13.15 19.66 18.28
N LYS A 283 12.02 19.22 18.84
CA LYS A 283 11.96 17.96 19.59
C LYS A 283 11.54 16.81 18.65
N ILE A 284 11.13 17.14 17.41
CA ILE A 284 10.71 16.14 16.43
C ILE A 284 11.86 15.91 15.44
N HIS A 285 12.11 14.64 15.14
CA HIS A 285 13.22 14.26 14.28
C HIS A 285 12.87 13.28 13.15
N TYR A 286 13.36 13.57 11.94
CA TYR A 286 13.18 12.71 10.77
C TYR A 286 14.48 11.92 10.55
N PHE A 287 14.37 10.59 10.57
CA PHE A 287 15.55 9.75 10.35
C PHE A 287 15.78 9.52 8.87
N SER A 288 16.32 10.54 8.21
CA SER A 288 16.61 10.47 6.79
C SER A 288 17.62 9.35 6.49
N ASP A 289 18.29 8.89 7.54
CA ASP A 289 19.31 7.87 7.39
C ASP A 289 18.84 6.42 7.57
N ILE A 290 17.60 6.22 8.02
CA ILE A 290 17.10 4.87 8.24
C ILE A 290 16.23 4.36 7.09
N GLY A 291 16.75 3.36 6.38
CA GLY A 291 16.04 2.80 5.26
C GLY A 291 14.90 1.95 5.81
N TYR A 292 13.69 2.19 5.32
CA TYR A 292 12.55 1.47 5.85
C TYR A 292 11.42 1.29 4.83
N HIS A 293 10.72 0.17 4.94
CA HIS A 293 9.58 -0.08 4.08
C HIS A 293 8.45 -0.65 4.92
N HIS A 294 7.26 -0.10 4.73
CA HIS A 294 6.05 -0.60 5.36
C HIS A 294 5.20 -0.52 4.11
N PRO A 295 4.65 -1.66 3.64
CA PRO A 295 3.85 -1.60 2.41
C PRO A 295 2.83 -0.46 2.45
N PRO A 296 2.72 0.32 1.36
CA PRO A 296 3.48 0.21 0.10
C PRO A 296 4.57 1.26 -0.09
N TYR A 297 4.94 1.97 0.96
CA TYR A 297 5.95 3.03 0.80
C TYR A 297 7.30 2.84 1.47
N ASP A 298 8.32 3.46 0.87
CA ASP A 298 9.69 3.40 1.36
C ASP A 298 10.25 4.73 1.83
N ASN A 299 11.21 4.62 2.77
CA ASN A 299 12.03 5.75 3.19
C ASN A 299 13.42 5.16 2.80
N CYS A 300 14.02 5.70 1.74
CA CYS A 300 15.33 5.24 1.30
C CYS A 300 16.30 6.41 1.37
N PRO A 301 17.42 6.25 2.10
CA PRO A 301 18.38 7.35 2.22
C PRO A 301 18.83 7.92 0.89
N LEU A 302 18.64 9.23 0.75
CA LEU A 302 19.02 9.92 -0.48
C LEU A 302 20.49 10.33 -0.46
N ASP A 303 21.05 10.47 0.74
CA ASP A 303 22.46 10.83 0.87
C ASP A 303 23.30 9.62 0.44
N LYS A 304 24.06 9.77 -0.63
CA LYS A 304 24.88 8.68 -1.17
C LYS A 304 25.87 8.06 -0.20
N GLU A 305 26.52 8.91 0.59
CA GLU A 305 27.51 8.44 1.57
C GLU A 305 26.82 7.57 2.59
N VAL A 306 25.66 8.03 3.07
CA VAL A 306 24.89 7.28 4.06
C VAL A 306 24.34 6.02 3.41
N TYR A 307 23.81 6.13 2.19
CA TYR A 307 23.26 4.98 1.49
C TYR A 307 24.30 3.88 1.26
N ASN A 308 25.50 4.27 0.83
CA ASN A 308 26.56 3.30 0.57
C ASN A 308 27.27 2.76 1.81
N SER A 309 27.56 3.63 2.76
CA SER A 309 28.25 3.20 3.98
C SER A 309 27.42 2.23 4.81
N ASN A 310 26.12 2.36 4.69
CA ASN A 310 25.22 1.51 5.45
C ASN A 310 24.63 0.38 4.61
N ASN A 311 25.24 0.15 3.45
CA ASN A 311 24.83 -0.94 2.55
C ASN A 311 23.33 -1.02 2.34
N CYS A 312 22.71 0.10 2.03
CA CYS A 312 21.28 0.10 1.83
C CYS A 312 20.84 -0.81 0.68
N GLU A 313 19.74 -1.51 0.89
CA GLU A 313 19.18 -2.44 -0.11
C GLU A 313 17.93 -1.89 -0.84
N CYS A 314 17.60 -0.61 -0.62
CA CYS A 314 16.43 -0.02 -1.29
C CYS A 314 16.82 0.72 -2.57
N ASP A 315 15.85 0.93 -3.46
CA ASP A 315 16.06 1.66 -4.70
C ASP A 315 15.79 3.12 -4.35
N GLN A 316 16.83 3.94 -4.32
CA GLN A 316 16.65 5.36 -3.98
C GLN A 316 15.54 5.94 -4.81
N GLY A 317 15.41 5.45 -6.03
CA GLY A 317 14.39 5.92 -6.94
C GLY A 317 12.95 5.77 -6.50
N ASN A 318 12.70 5.00 -5.44
CA ASN A 318 11.33 4.82 -4.97
C ASN A 318 11.13 5.42 -3.59
N ASP A 319 12.05 6.29 -3.17
CA ASP A 319 11.88 6.94 -1.87
C ASP A 319 10.58 7.75 -2.02
N PHE A 320 9.74 7.67 -1.00
CA PHE A 320 8.44 8.35 -1.00
C PHE A 320 8.48 9.77 -0.44
N THR A 321 9.46 10.02 0.42
CA THR A 321 9.60 11.30 1.12
C THR A 321 9.14 12.52 0.36
N PHE A 322 9.74 12.79 -0.79
CA PHE A 322 9.35 13.97 -1.55
C PHE A 322 8.26 13.81 -2.60
N GLN A 323 7.55 12.70 -2.59
CA GLN A 323 6.47 12.55 -3.55
C GLN A 323 5.28 13.42 -3.07
N GLY A 324 4.53 13.95 -4.03
CA GLY A 324 3.40 14.81 -3.71
C GLY A 324 2.45 14.38 -2.61
N TYR A 325 2.07 13.11 -2.63
CA TYR A 325 1.14 12.58 -1.63
C TYR A 325 1.79 12.34 -0.26
N SER A 326 3.13 12.35 -0.22
CA SER A 326 3.86 12.23 1.04
C SER A 326 3.84 13.66 1.66
N CYS A 327 4.34 13.83 2.88
CA CYS A 327 4.39 15.17 3.49
C CYS A 327 5.84 15.57 3.81
N GLY A 328 6.79 14.95 3.11
CA GLY A 328 8.19 15.26 3.32
C GLY A 328 8.51 16.73 3.02
N LYS A 329 7.99 17.25 1.92
CA LYS A 329 8.22 18.67 1.60
C LYS A 329 7.69 19.57 2.74
N GLU A 330 6.43 19.37 3.10
CA GLU A 330 5.80 20.12 4.18
C GLU A 330 6.63 20.06 5.48
N TYR A 331 7.18 18.88 5.80
CA TYR A 331 7.99 18.71 7.00
C TYR A 331 9.30 19.49 6.87
N TYR A 332 9.97 19.37 5.72
CA TYR A 332 11.22 20.06 5.54
C TYR A 332 11.05 21.58 5.63
N ASP A 333 10.03 22.11 4.96
CA ASP A 333 9.78 23.54 4.98
C ASP A 333 9.41 24.04 6.38
N ALA A 334 8.66 23.23 7.12
CA ALA A 334 8.25 23.61 8.45
C ALA A 334 9.44 23.66 9.41
N GLN A 335 10.40 22.75 9.21
CA GLN A 335 11.59 22.69 10.05
C GLN A 335 12.74 23.53 9.51
N GLY A 336 12.56 24.12 8.35
CA GLY A 336 13.64 24.90 7.77
C GLY A 336 14.82 24.01 7.38
N LEU A 337 14.55 22.74 7.07
CA LEU A 337 15.61 21.82 6.66
C LEU A 337 15.87 21.96 5.16
N VAL A 338 17.14 21.90 4.80
CA VAL A 338 17.54 21.99 3.41
C VAL A 338 17.18 20.68 2.70
N LYS A 339 16.25 20.75 1.77
CA LYS A 339 15.83 19.56 1.03
C LYS A 339 16.94 19.10 0.10
N PRO A 340 17.10 17.77 -0.09
CA PRO A 340 18.16 17.30 -0.99
C PRO A 340 18.05 17.81 -2.42
N LYS A 341 19.22 18.05 -3.01
CA LYS A 341 19.35 18.55 -4.37
C LYS A 341 18.29 18.15 -5.40
N ASN A 342 18.08 16.84 -5.58
CA ASN A 342 17.12 16.40 -6.59
C ASN A 342 15.71 16.13 -6.07
N TRP A 343 15.36 16.70 -4.93
CA TRP A 343 14.04 16.45 -4.37
C TRP A 343 12.87 16.61 -5.36
N LYS A 344 12.98 17.55 -6.29
CA LYS A 344 11.91 17.77 -7.28
C LYS A 344 11.63 16.60 -8.23
N LYS A 345 12.65 15.77 -8.50
CA LYS A 345 12.49 14.64 -9.40
C LYS A 345 11.36 13.75 -8.92
N PHE A 346 11.21 13.67 -7.60
CA PHE A 346 10.17 12.84 -7.02
C PHE A 346 8.75 13.39 -7.23
N ARG A 347 8.64 14.60 -7.79
CA ARG A 347 7.31 15.19 -8.04
C ARG A 347 6.94 15.04 -9.53
N GLU A 348 7.72 14.25 -10.27
CA GLU A 348 7.50 14.06 -11.69
C GLU A 348 6.46 13.01 -12.02
N THR B 9 -21.86 -10.98 -37.18
CA THR B 9 -20.53 -10.95 -37.87
C THR B 9 -19.50 -11.71 -37.04
N LYS B 10 -18.24 -11.35 -37.17
CA LYS B 10 -17.16 -11.97 -36.40
C LYS B 10 -17.15 -11.32 -35.01
N THR B 11 -17.41 -12.11 -33.98
CA THR B 11 -17.48 -11.60 -32.60
C THR B 11 -16.12 -11.52 -31.90
N THR B 12 -16.13 -10.90 -30.72
CA THR B 12 -14.91 -10.77 -29.93
C THR B 12 -14.29 -12.15 -29.69
N MET B 13 -15.09 -13.12 -29.28
CA MET B 13 -14.56 -14.46 -29.03
C MET B 13 -14.03 -15.15 -30.29
N ASP B 14 -14.47 -14.71 -31.47
CA ASP B 14 -13.97 -15.30 -32.72
C ASP B 14 -12.50 -14.96 -32.90
N TYR B 15 -12.08 -13.87 -32.27
CA TYR B 15 -10.70 -13.45 -32.37
C TYR B 15 -9.77 -14.17 -31.43
N ILE B 16 -10.35 -14.91 -30.49
CA ILE B 16 -9.56 -15.55 -29.46
C ILE B 16 -9.53 -17.08 -29.50
N THR B 17 -10.67 -17.70 -29.82
CA THR B 17 -10.77 -19.14 -29.87
C THR B 17 -9.62 -19.87 -30.59
N PRO B 18 -9.13 -19.32 -31.71
CA PRO B 18 -8.03 -20.02 -32.38
C PRO B 18 -6.86 -20.33 -31.46
N SER B 19 -6.49 -19.38 -30.60
CA SER B 19 -5.37 -19.62 -29.69
C SER B 19 -5.73 -20.62 -28.62
N PHE B 20 -6.98 -21.11 -28.64
CA PHE B 20 -7.38 -22.13 -27.67
C PHE B 20 -7.05 -23.52 -28.26
N LYS B 26 3.58 -26.25 -26.78
CA LYS B 26 3.57 -25.17 -25.74
C LYS B 26 2.94 -23.88 -26.28
N PRO B 27 2.05 -23.25 -25.50
CA PRO B 27 1.44 -22.01 -26.00
C PRO B 27 2.50 -20.93 -26.17
N LYS B 28 2.25 -19.99 -27.07
CA LYS B 28 3.17 -18.88 -27.32
C LYS B 28 2.90 -17.88 -26.19
N ALA B 29 3.78 -17.83 -25.20
CA ALA B 29 3.59 -16.95 -24.06
C ALA B 29 4.86 -16.33 -23.50
N CYS B 30 4.70 -15.25 -22.73
CA CYS B 30 5.85 -14.57 -22.13
C CYS B 30 5.47 -13.80 -20.86
N TYR B 31 6.46 -13.53 -20.02
CA TYR B 31 6.21 -12.68 -18.86
C TYR B 31 6.47 -11.32 -19.54
N VAL B 32 5.90 -10.24 -19.01
CA VAL B 32 6.15 -8.90 -19.57
C VAL B 32 6.28 -7.90 -18.42
N THR B 33 7.35 -7.11 -18.43
CA THR B 33 7.59 -6.13 -17.36
C THR B 33 7.97 -4.73 -17.85
N LEU B 34 7.14 -3.74 -17.55
CA LEU B 34 7.47 -2.35 -17.88
C LEU B 34 8.22 -1.95 -16.60
N VAL B 35 9.39 -1.33 -16.71
CA VAL B 35 10.14 -0.99 -15.49
C VAL B 35 11.22 0.09 -15.70
N ARG B 36 11.58 0.77 -14.61
CA ARG B 36 12.58 1.85 -14.64
C ARG B 36 13.98 1.38 -14.24
N ASN B 37 15.02 2.07 -14.72
CA ASN B 37 16.38 1.68 -14.37
C ASN B 37 16.59 1.75 -12.86
N LYS B 38 16.02 2.78 -12.24
CA LYS B 38 16.20 2.94 -10.80
C LYS B 38 15.38 2.00 -9.91
N GLU B 39 14.75 0.98 -10.48
CA GLU B 39 13.99 0.01 -9.67
C GLU B 39 14.68 -1.36 -9.73
N LEU B 40 15.96 -1.36 -10.10
CA LEU B 40 16.72 -2.60 -10.23
C LEU B 40 16.70 -3.57 -9.05
N LYS B 41 16.90 -3.08 -7.83
CA LYS B 41 16.88 -3.98 -6.69
C LYS B 41 15.52 -4.63 -6.47
N GLY B 42 14.45 -3.85 -6.66
CA GLY B 42 13.12 -4.43 -6.48
C GLY B 42 12.78 -5.40 -7.61
N LEU B 43 13.32 -5.13 -8.80
CA LEU B 43 13.07 -5.97 -9.97
C LEU B 43 13.75 -7.31 -9.76
N LEU B 44 15.02 -7.27 -9.36
CA LEU B 44 15.77 -8.50 -9.12
C LEU B 44 15.07 -9.31 -8.05
N SER B 45 14.49 -8.64 -7.07
CA SER B 45 13.79 -9.36 -6.02
C SER B 45 12.63 -10.13 -6.65
N SER B 46 11.77 -9.44 -7.40
CA SER B 46 10.64 -10.11 -8.05
C SER B 46 11.11 -11.30 -8.90
N ILE B 47 12.16 -11.07 -9.69
CA ILE B 47 12.69 -12.11 -10.56
C ILE B 47 13.04 -13.36 -9.76
N LYS B 48 13.74 -13.19 -8.65
CA LYS B 48 14.09 -14.35 -7.84
C LYS B 48 12.83 -15.14 -7.44
N TYR B 49 11.75 -14.44 -7.13
CA TYR B 49 10.50 -15.12 -6.74
C TYR B 49 9.90 -15.94 -7.89
N VAL B 50 9.79 -15.31 -9.05
CA VAL B 50 9.24 -15.97 -10.23
C VAL B 50 10.11 -17.17 -10.65
N GLU B 51 11.43 -17.01 -10.57
CA GLU B 51 12.37 -18.08 -10.91
C GLU B 51 12.14 -19.27 -10.00
N ASN B 52 12.23 -19.02 -8.71
CA ASN B 52 12.09 -20.07 -7.73
C ASN B 52 10.74 -20.76 -7.65
N LYS B 53 9.66 -20.01 -7.83
CA LYS B 53 8.33 -20.61 -7.75
C LYS B 53 7.75 -21.21 -9.03
N ILE B 54 8.26 -20.85 -10.20
CA ILE B 54 7.70 -21.42 -11.41
C ILE B 54 8.56 -21.43 -12.65
N ASN B 55 9.31 -20.37 -12.88
CA ASN B 55 10.07 -20.32 -14.11
C ASN B 55 11.19 -21.34 -14.31
N LYS B 56 11.84 -21.80 -13.26
CA LYS B 56 12.87 -22.80 -13.53
C LYS B 56 12.23 -24.14 -13.88
N LYS B 57 10.99 -24.34 -13.44
CA LYS B 57 10.25 -25.57 -13.70
C LYS B 57 9.55 -25.52 -15.07
N PHE B 58 8.94 -24.38 -15.40
CA PHE B 58 8.23 -24.21 -16.66
C PHE B 58 8.73 -22.91 -17.28
N PRO B 59 9.90 -22.98 -17.94
CA PRO B 59 10.48 -21.78 -18.56
C PRO B 59 9.71 -21.15 -19.69
N TYR B 60 9.61 -19.83 -19.62
CA TYR B 60 8.97 -19.03 -20.64
C TYR B 60 9.78 -17.73 -20.79
N PRO B 61 9.87 -17.21 -22.01
CA PRO B 61 10.61 -15.97 -22.27
C PRO B 61 10.07 -14.79 -21.47
N TRP B 62 10.97 -13.90 -21.05
CA TRP B 62 10.63 -12.72 -20.27
C TRP B 62 10.99 -11.45 -21.05
N VAL B 63 9.98 -10.62 -21.30
CA VAL B 63 10.15 -9.35 -22.01
C VAL B 63 10.15 -8.17 -21.03
N PHE B 64 11.17 -7.32 -21.13
CA PHE B 64 11.31 -6.14 -20.29
C PHE B 64 11.21 -4.88 -21.16
N LEU B 65 10.37 -3.93 -20.76
CA LEU B 65 10.13 -2.67 -21.48
C LEU B 65 10.44 -1.43 -20.62
N ASN B 66 10.83 -0.33 -21.26
CA ASN B 66 11.17 0.91 -20.54
C ASN B 66 10.99 2.10 -21.50
N ASP B 67 10.47 3.22 -21.02
CA ASP B 67 10.29 4.37 -21.90
C ASP B 67 11.66 4.96 -22.23
N GLU B 68 12.65 4.60 -21.41
CA GLU B 68 14.02 5.05 -21.61
C GLU B 68 14.88 3.83 -21.86
N PRO B 69 16.09 4.01 -22.37
CA PRO B 69 16.95 2.84 -22.61
C PRO B 69 17.42 2.22 -21.30
N PHE B 70 17.52 0.90 -21.26
CA PHE B 70 17.98 0.20 -20.07
C PHE B 70 19.48 0.39 -19.99
N THR B 71 20.03 0.50 -18.79
CA THR B 71 21.49 0.66 -18.66
C THR B 71 22.15 -0.72 -18.76
N GLU B 72 23.44 -0.73 -19.06
CA GLU B 72 24.16 -1.98 -19.19
C GLU B 72 24.21 -2.70 -17.86
N GLU B 73 24.25 -1.94 -16.77
CA GLU B 73 24.27 -2.54 -15.44
C GLU B 73 22.96 -3.31 -15.21
N PHE B 74 21.86 -2.71 -15.66
CA PHE B 74 20.54 -3.28 -15.54
C PHE B 74 20.40 -4.59 -16.32
N LYS B 75 20.68 -4.53 -17.63
CA LYS B 75 20.57 -5.72 -18.48
C LYS B 75 21.47 -6.85 -18.02
N GLU B 76 22.66 -6.51 -17.56
CA GLU B 76 23.57 -7.55 -17.12
C GLU B 76 23.00 -8.30 -15.91
N ALA B 77 22.56 -7.55 -14.91
CA ALA B 77 22.01 -8.13 -13.69
C ALA B 77 20.77 -8.96 -14.00
N VAL B 78 19.90 -8.40 -14.84
CA VAL B 78 18.66 -9.06 -15.24
C VAL B 78 18.90 -10.32 -16.08
N THR B 79 19.81 -10.23 -17.06
CA THR B 79 20.09 -11.39 -17.92
C THR B 79 20.58 -12.57 -17.09
N LYS B 80 21.41 -12.30 -16.10
CA LYS B 80 21.93 -13.36 -15.26
C LYS B 80 20.89 -13.93 -14.30
N ALA B 81 20.00 -13.09 -13.80
CA ALA B 81 19.00 -13.53 -12.83
C ALA B 81 17.87 -14.41 -13.41
N VAL B 82 17.52 -14.17 -14.68
CA VAL B 82 16.47 -14.94 -15.36
C VAL B 82 17.06 -16.16 -16.04
N SER B 83 16.53 -17.36 -15.74
CA SER B 83 17.05 -18.61 -16.31
C SER B 83 16.57 -18.89 -17.73
N SER B 84 15.48 -18.24 -18.13
CA SER B 84 14.97 -18.43 -19.47
C SER B 84 15.48 -17.26 -20.31
N GLU B 85 15.09 -17.22 -21.58
CA GLU B 85 15.53 -16.16 -22.48
C GLU B 85 14.92 -14.80 -22.10
N VAL B 86 15.73 -13.75 -22.10
CA VAL B 86 15.21 -12.42 -21.78
C VAL B 86 15.33 -11.53 -23.02
N LYS B 87 14.38 -10.61 -23.17
CA LYS B 87 14.37 -9.67 -24.28
C LYS B 87 14.14 -8.26 -23.69
N PHE B 88 14.96 -7.30 -24.10
CA PHE B 88 14.84 -5.92 -23.63
C PHE B 88 14.32 -5.02 -24.75
N GLY B 89 13.31 -4.20 -24.47
CA GLY B 89 12.80 -3.34 -25.51
C GLY B 89 12.56 -1.91 -25.03
N ILE B 90 12.63 -0.96 -25.96
CA ILE B 90 12.35 0.42 -25.59
C ILE B 90 10.98 0.73 -26.20
N LEU B 91 10.24 1.66 -25.62
CA LEU B 91 8.91 1.98 -26.13
C LEU B 91 8.91 2.99 -27.26
N PRO B 92 8.03 2.79 -28.24
CA PRO B 92 7.97 3.76 -29.34
C PRO B 92 7.50 5.04 -28.68
N LYS B 93 8.11 6.17 -29.01
CA LYS B 93 7.72 7.44 -28.41
C LYS B 93 6.24 7.83 -28.59
N GLU B 94 5.58 7.28 -29.61
CA GLU B 94 4.17 7.58 -29.87
C GLU B 94 3.25 6.84 -28.88
N HIS B 95 3.85 5.96 -28.09
CA HIS B 95 3.13 5.19 -27.09
C HIS B 95 3.45 5.70 -25.69
N TRP B 96 4.10 6.86 -25.64
CA TRP B 96 4.49 7.46 -24.37
C TRP B 96 4.74 8.95 -24.53
N SER B 97 3.69 9.68 -24.87
CA SER B 97 3.77 11.14 -25.04
C SER B 97 2.35 11.63 -25.26
N TYR B 98 2.13 12.91 -24.99
CA TYR B 98 0.79 13.49 -25.15
C TYR B 98 0.28 13.44 -26.57
N PRO B 99 -0.94 12.91 -26.76
CA PRO B 99 -1.49 12.87 -28.10
C PRO B 99 -1.81 14.32 -28.49
N GLU B 100 -1.86 14.60 -29.78
CA GLU B 100 -2.09 15.96 -30.24
C GLU B 100 -3.35 16.67 -29.70
N TRP B 101 -4.38 15.91 -29.35
CA TRP B 101 -5.61 16.52 -28.86
C TRP B 101 -5.66 16.85 -27.38
N ILE B 102 -4.60 16.57 -26.64
CA ILE B 102 -4.63 16.88 -25.21
C ILE B 102 -4.07 18.27 -24.90
N ASN B 103 -4.83 19.04 -24.12
CA ASN B 103 -4.43 20.39 -23.71
C ASN B 103 -3.44 20.26 -22.57
N GLN B 104 -2.15 20.38 -22.87
CA GLN B 104 -1.12 20.23 -21.85
C GLN B 104 -1.12 21.26 -20.72
N THR B 105 -1.56 22.48 -20.99
CA THR B 105 -1.57 23.46 -19.90
C THR B 105 -2.70 23.10 -18.95
N LYS B 106 -3.80 22.64 -19.52
CA LYS B 106 -4.94 22.22 -18.72
C LYS B 106 -4.49 21.05 -17.87
N ALA B 107 -3.74 20.14 -18.47
CA ALA B 107 -3.25 18.96 -17.74
C ALA B 107 -2.26 19.33 -16.65
N ALA B 108 -1.36 20.26 -16.95
CA ALA B 108 -0.37 20.68 -15.96
C ALA B 108 -1.06 21.28 -14.72
N GLU B 109 -2.10 22.07 -14.96
CA GLU B 109 -2.83 22.69 -13.88
C GLU B 109 -3.54 21.62 -13.06
N ILE B 110 -4.11 20.64 -13.76
CA ILE B 110 -4.81 19.54 -13.09
C ILE B 110 -3.86 18.82 -12.15
N ARG B 111 -2.64 18.54 -12.62
CA ARG B 111 -1.61 17.87 -11.81
C ARG B 111 -1.16 18.67 -10.59
N ALA B 112 -0.91 19.97 -10.81
CA ALA B 112 -0.44 20.84 -9.75
C ALA B 112 -1.47 20.92 -8.65
N ASP B 113 -2.74 20.95 -9.02
CA ASP B 113 -3.79 21.00 -8.05
C ASP B 113 -3.93 19.66 -7.31
N ALA B 114 -3.87 18.56 -8.05
CA ALA B 114 -4.04 17.24 -7.46
C ALA B 114 -2.80 16.65 -6.79
N ALA B 115 -1.68 17.37 -6.87
CA ALA B 115 -0.42 16.92 -6.30
C ALA B 115 -0.54 16.26 -4.91
N THR B 116 -1.21 16.94 -3.99
CA THR B 116 -1.34 16.43 -2.64
C THR B 116 -2.70 15.84 -2.35
N LYS B 117 -3.53 15.66 -3.39
CA LYS B 117 -4.89 15.16 -3.22
C LYS B 117 -5.09 13.65 -3.28
N TYR B 118 -4.34 12.95 -4.13
CA TYR B 118 -4.42 11.50 -4.21
C TYR B 118 -3.10 10.94 -4.69
N ILE B 119 -2.84 9.67 -4.42
CA ILE B 119 -1.58 9.08 -4.82
C ILE B 119 -1.30 9.30 -6.32
N TYR B 120 -0.10 9.80 -6.59
CA TYR B 120 0.34 10.09 -7.95
C TYR B 120 -0.43 11.24 -8.57
N GLY B 121 -1.18 11.97 -7.75
CA GLY B 121 -1.95 13.09 -8.27
C GLY B 121 -1.17 14.07 -9.13
N GLY B 122 0.04 14.43 -8.71
CA GLY B 122 0.80 15.39 -9.47
C GLY B 122 1.79 14.80 -10.45
N SER B 123 1.77 13.48 -10.60
CA SER B 123 2.72 12.83 -11.47
C SER B 123 2.37 12.82 -12.95
N GLU B 124 3.33 13.22 -13.75
CA GLU B 124 3.17 13.26 -15.18
C GLU B 124 3.49 11.87 -15.75
N SER B 125 4.59 11.27 -15.30
CA SER B 125 4.99 9.96 -15.79
C SER B 125 3.96 8.88 -15.46
N TYR B 126 3.37 8.97 -14.28
CA TYR B 126 2.38 7.96 -13.93
C TYR B 126 1.25 7.86 -14.95
N ARG B 127 0.75 9.00 -15.40
CA ARG B 127 -0.35 8.98 -16.35
C ARG B 127 0.06 8.37 -17.70
N HIS B 128 1.28 8.65 -18.16
CA HIS B 128 1.71 8.04 -19.41
C HIS B 128 1.82 6.53 -19.21
N MET B 129 2.20 6.11 -18.00
CA MET B 129 2.33 4.67 -17.72
C MET B 129 0.94 4.01 -17.80
N CYS B 130 -0.06 4.66 -17.21
CA CYS B 130 -1.43 4.14 -17.21
C CYS B 130 -1.97 4.01 -18.64
N ARG B 131 -1.67 5.01 -19.47
CA ARG B 131 -2.12 4.99 -20.86
C ARG B 131 -1.37 3.89 -21.59
N TYR B 132 -0.09 3.70 -21.24
CA TYR B 132 0.69 2.66 -21.88
C TYR B 132 0.12 1.28 -21.63
N GLN B 133 -0.08 0.96 -20.36
CA GLN B 133 -0.62 -0.34 -19.99
C GLN B 133 -2.04 -0.54 -20.54
N SER B 134 -2.77 0.55 -20.68
CA SER B 134 -4.12 0.47 -21.19
C SER B 134 -4.19 0.16 -22.69
N GLY B 135 -3.47 0.94 -23.49
CA GLY B 135 -3.58 0.72 -24.92
C GLY B 135 -2.38 0.34 -25.74
N PHE B 136 -1.18 0.24 -25.17
CA PHE B 136 -0.02 -0.10 -26.00
C PHE B 136 0.94 -1.26 -25.67
N PHE B 137 1.08 -1.65 -24.42
CA PHE B 137 2.03 -2.72 -24.13
C PHE B 137 1.71 -3.96 -24.97
N TRP B 138 0.43 -4.19 -25.26
CA TRP B 138 0.06 -5.37 -26.02
C TRP B 138 0.27 -5.24 -27.52
N ARG B 139 0.86 -4.11 -27.92
CA ARG B 139 1.16 -3.80 -29.31
C ARG B 139 2.66 -3.73 -29.50
N HIS B 140 3.43 -3.85 -28.43
CA HIS B 140 4.88 -3.77 -28.58
C HIS B 140 5.38 -4.88 -29.52
N GLU B 141 6.35 -4.54 -30.37
CA GLU B 141 6.92 -5.50 -31.33
C GLU B 141 7.24 -6.85 -30.74
N LEU B 142 7.85 -6.83 -29.56
CA LEU B 142 8.28 -8.02 -28.84
C LEU B 142 7.15 -8.94 -28.39
N LEU B 143 5.91 -8.43 -28.35
CA LEU B 143 4.80 -9.28 -27.95
C LEU B 143 4.00 -9.80 -29.12
N GLU B 144 4.34 -9.32 -30.32
CA GLU B 144 3.65 -9.75 -31.52
C GLU B 144 3.52 -11.26 -31.71
N GLU B 145 4.60 -11.99 -31.48
CA GLU B 145 4.60 -13.45 -31.67
C GLU B 145 3.86 -14.26 -30.60
N TYR B 146 3.46 -13.63 -29.50
CA TYR B 146 2.79 -14.34 -28.42
C TYR B 146 1.27 -14.15 -28.39
N ASP B 147 0.61 -15.10 -27.74
CA ASP B 147 -0.85 -15.08 -27.56
C ASP B 147 -1.18 -14.83 -26.08
N TRP B 148 -0.21 -15.06 -25.20
CA TRP B 148 -0.42 -14.89 -23.76
C TRP B 148 0.71 -14.12 -23.07
N TYR B 149 0.37 -13.39 -22.01
CA TYR B 149 1.38 -12.67 -21.24
C TYR B 149 1.05 -12.81 -19.77
N TRP B 150 2.09 -12.66 -18.95
CA TRP B 150 2.00 -12.70 -17.50
C TRP B 150 2.72 -11.42 -17.05
N ARG B 151 1.97 -10.45 -16.54
CA ARG B 151 2.57 -9.19 -16.09
C ARG B 151 3.22 -9.32 -14.72
N VAL B 152 4.44 -8.81 -14.60
CA VAL B 152 5.22 -8.86 -13.35
C VAL B 152 5.87 -7.52 -13.08
N GLU B 153 5.70 -7.03 -11.86
CA GLU B 153 6.24 -5.74 -11.43
C GLU B 153 7.34 -5.87 -10.39
N PRO B 154 8.10 -4.79 -10.15
CA PRO B 154 9.14 -4.91 -9.14
C PRO B 154 8.52 -4.92 -7.74
N ASP B 155 9.26 -5.41 -6.76
CA ASP B 155 8.84 -5.49 -5.36
C ASP B 155 7.62 -6.38 -5.11
N ILE B 156 7.54 -7.45 -5.88
CA ILE B 156 6.47 -8.43 -5.80
C ILE B 156 6.97 -9.71 -5.10
N LYS B 157 6.04 -10.49 -4.56
CA LYS B 157 6.40 -11.75 -3.93
C LYS B 157 5.48 -12.82 -4.47
N LEU B 158 6.00 -14.03 -4.64
CA LEU B 158 5.18 -15.18 -5.03
C LEU B 158 5.39 -16.08 -3.81
N TYR B 159 4.36 -16.14 -2.97
CA TYR B 159 4.41 -16.86 -1.71
C TYR B 159 4.52 -18.39 -1.76
N CYS B 160 4.02 -18.98 -2.85
CA CYS B 160 4.00 -20.44 -2.99
C CYS B 160 4.58 -20.96 -4.29
N ASP B 161 4.90 -22.26 -4.29
CA ASP B 161 5.39 -22.94 -5.49
C ASP B 161 4.19 -23.00 -6.43
N ILE B 162 4.46 -23.04 -7.72
CA ILE B 162 3.41 -23.18 -8.72
C ILE B 162 3.83 -24.43 -9.51
N ASN B 163 3.08 -25.51 -9.31
CA ASN B 163 3.41 -26.79 -9.91
C ASN B 163 2.76 -27.21 -11.23
N TYR B 164 2.31 -26.23 -12.01
CA TYR B 164 1.77 -26.54 -13.30
C TYR B 164 2.10 -25.35 -14.19
N ASP B 165 2.08 -25.59 -15.49
CA ASP B 165 2.35 -24.56 -16.47
C ASP B 165 1.02 -23.78 -16.59
N VAL B 166 1.00 -22.53 -16.11
CA VAL B 166 -0.21 -21.70 -16.11
C VAL B 166 -0.71 -21.26 -17.49
N PHE B 167 0.21 -20.95 -18.41
CA PHE B 167 -0.24 -20.59 -19.75
C PHE B 167 -0.96 -21.80 -20.37
N LYS B 168 -0.31 -22.96 -20.26
CA LYS B 168 -0.85 -24.22 -20.77
C LYS B 168 -2.25 -24.43 -20.21
N TRP B 169 -2.40 -24.21 -18.90
CA TRP B 169 -3.68 -24.36 -18.24
C TRP B 169 -4.73 -23.40 -18.82
N MET B 170 -4.36 -22.14 -19.05
CA MET B 170 -5.31 -21.19 -19.61
C MET B 170 -5.80 -21.67 -20.97
N GLN B 171 -4.85 -22.11 -21.78
CA GLN B 171 -5.16 -22.60 -23.12
C GLN B 171 -6.11 -23.80 -23.10
N GLU B 172 -5.74 -24.82 -22.34
CA GLU B 172 -6.55 -26.02 -22.25
C GLU B 172 -7.92 -25.77 -21.66
N ASN B 173 -8.03 -24.77 -20.79
CA ASN B 173 -9.29 -24.48 -20.14
C ASN B 173 -10.03 -23.31 -20.76
N GLU B 174 -9.50 -22.83 -21.88
CA GLU B 174 -10.09 -21.74 -22.62
C GLU B 174 -10.46 -20.52 -21.80
N LYS B 175 -9.50 -20.04 -21.01
CA LYS B 175 -9.72 -18.84 -20.21
C LYS B 175 -8.98 -17.71 -20.91
N VAL B 176 -9.49 -16.49 -20.73
CA VAL B 176 -8.93 -15.30 -21.37
C VAL B 176 -8.23 -14.31 -20.43
N TYR B 177 -8.79 -14.08 -19.24
CA TYR B 177 -8.21 -13.11 -18.31
C TYR B 177 -8.11 -13.69 -16.90
N GLY B 178 -6.88 -13.82 -16.41
CA GLY B 178 -6.64 -14.35 -15.07
C GLY B 178 -6.02 -13.36 -14.12
N PHE B 179 -6.55 -13.28 -12.90
CA PHE B 179 -6.06 -12.33 -11.88
C PHE B 179 -5.96 -12.93 -10.48
N THR B 180 -5.44 -12.12 -9.55
CA THR B 180 -5.30 -12.54 -8.15
C THR B 180 -5.89 -11.55 -7.14
N VAL B 181 -5.70 -10.25 -7.35
CA VAL B 181 -6.24 -9.26 -6.39
C VAL B 181 -7.27 -8.37 -7.07
N SER B 182 -8.33 -7.99 -6.34
CA SER B 182 -9.36 -7.09 -6.83
C SER B 182 -9.57 -6.05 -5.73
N ILE B 183 -10.00 -4.83 -6.10
CA ILE B 183 -10.19 -3.75 -5.14
C ILE B 183 -11.07 -2.60 -5.67
N HIS B 184 -11.50 -1.72 -4.77
CA HIS B 184 -12.32 -0.56 -5.17
C HIS B 184 -11.40 0.61 -5.52
N GLU B 185 -11.64 1.20 -6.68
CA GLU B 185 -10.82 2.33 -7.10
C GLU B 185 -11.19 3.61 -6.36
N TYR B 186 -10.26 4.56 -6.23
CA TYR B 186 -10.57 5.85 -5.59
C TYR B 186 -11.29 6.63 -6.68
N GLU B 187 -12.58 6.84 -6.48
CA GLU B 187 -13.37 7.54 -7.49
C GLU B 187 -12.81 8.89 -7.93
N VAL B 188 -12.13 9.60 -7.04
CA VAL B 188 -11.56 10.90 -7.39
C VAL B 188 -10.60 10.82 -8.59
N THR B 189 -10.10 9.63 -8.89
CA THR B 189 -9.19 9.47 -10.02
C THR B 189 -9.88 9.12 -11.33
N ILE B 190 -11.15 8.73 -11.26
CA ILE B 190 -11.92 8.31 -12.45
C ILE B 190 -13.36 8.82 -12.49
N PRO B 191 -13.60 10.10 -12.16
CA PRO B 191 -14.95 10.67 -12.16
C PRO B 191 -15.82 10.44 -13.36
N THR B 192 -15.25 10.51 -14.56
CA THR B 192 -16.08 10.30 -15.73
C THR B 192 -15.83 9.01 -16.50
N LEU B 193 -15.00 8.12 -15.97
CA LEU B 193 -14.72 6.86 -16.65
C LEU B 193 -15.96 5.98 -16.88
N TRP B 194 -16.77 5.80 -15.85
CA TRP B 194 -17.94 4.96 -16.03
C TRP B 194 -18.89 5.51 -17.08
N GLN B 195 -19.24 6.79 -16.98
CA GLN B 195 -20.14 7.39 -17.95
C GLN B 195 -19.59 7.23 -19.38
N THR B 196 -18.28 7.42 -19.54
CA THR B 196 -17.67 7.32 -20.85
C THR B 196 -17.82 5.90 -21.40
N SER B 197 -17.65 4.91 -20.52
CA SER B 197 -17.76 3.49 -20.90
C SER B 197 -19.20 3.09 -21.26
N MET B 198 -20.16 3.53 -20.46
CA MET B 198 -21.56 3.20 -20.75
C MET B 198 -22.05 3.81 -22.07
N ASP B 199 -21.55 5.00 -22.42
CA ASP B 199 -21.96 5.61 -23.69
C ASP B 199 -21.36 4.76 -24.83
N PHE B 200 -20.13 4.27 -24.63
CA PHE B 200 -19.48 3.43 -25.64
C PHE B 200 -20.34 2.20 -25.92
N ILE B 201 -20.82 1.55 -24.86
CA ILE B 201 -21.65 0.35 -24.98
C ILE B 201 -23.00 0.68 -25.61
N LYS B 202 -23.51 1.88 -25.31
CA LYS B 202 -24.78 2.30 -25.84
C LYS B 202 -24.65 2.40 -27.36
N LYS B 203 -23.52 2.90 -27.85
CA LYS B 203 -23.30 3.04 -29.28
C LYS B 203 -22.80 1.76 -29.96
N ASN B 204 -22.34 0.79 -29.16
CA ASN B 204 -21.82 -0.46 -29.70
C ASN B 204 -22.36 -1.68 -28.94
N PRO B 205 -23.69 -1.85 -28.94
CA PRO B 205 -24.34 -2.96 -28.25
C PRO B 205 -23.82 -4.36 -28.61
N GLU B 206 -23.20 -4.49 -29.78
CA GLU B 206 -22.69 -5.80 -30.19
C GLU B 206 -21.45 -6.23 -29.41
N TYR B 207 -20.74 -5.29 -28.80
CA TYR B 207 -19.55 -5.65 -28.04
C TYR B 207 -19.86 -6.07 -26.61
N LEU B 208 -21.11 -5.94 -26.22
CA LEU B 208 -21.53 -6.33 -24.89
C LEU B 208 -21.90 -7.81 -24.93
N ASP B 209 -21.14 -8.66 -24.26
CA ASP B 209 -21.48 -10.09 -24.29
C ASP B 209 -22.75 -10.34 -23.49
N GLU B 210 -23.65 -11.13 -24.05
CA GLU B 210 -24.91 -11.42 -23.40
C GLU B 210 -24.71 -12.16 -22.07
N ASN B 211 -23.53 -12.75 -21.86
CA ASN B 211 -23.26 -13.47 -20.62
C ASN B 211 -22.06 -12.89 -19.89
N ASN B 212 -21.97 -11.57 -19.83
CA ASN B 212 -20.82 -10.92 -19.19
C ASN B 212 -20.87 -10.77 -17.68
N LEU B 213 -19.82 -10.18 -17.13
CA LEU B 213 -19.68 -9.97 -15.69
C LEU B 213 -20.06 -8.55 -15.24
N MET B 214 -21.10 -7.95 -15.82
CA MET B 214 -21.50 -6.60 -15.42
C MET B 214 -21.73 -6.53 -13.91
N SER B 215 -22.30 -7.59 -13.34
CA SER B 215 -22.58 -7.62 -11.92
C SER B 215 -21.36 -7.41 -10.99
N PHE B 216 -20.15 -7.58 -11.51
CA PHE B 216 -18.96 -7.37 -10.71
C PHE B 216 -18.68 -5.85 -10.63
N LEU B 217 -19.02 -5.16 -11.71
CA LEU B 217 -18.78 -3.72 -11.80
C LEU B 217 -19.90 -2.82 -11.29
N SER B 218 -21.12 -3.34 -11.31
CA SER B 218 -22.27 -2.53 -10.95
C SER B 218 -23.28 -3.26 -10.08
N ASN B 219 -23.89 -2.51 -9.16
CA ASN B 219 -24.88 -3.07 -8.26
C ASN B 219 -26.28 -2.73 -8.77
N ASP B 220 -26.34 -1.92 -9.82
CA ASP B 220 -27.63 -1.50 -10.35
C ASP B 220 -27.76 -1.68 -11.85
N ASN B 221 -27.33 -2.83 -12.36
CA ASN B 221 -27.44 -3.12 -13.78
C ASN B 221 -26.78 -2.07 -14.69
N GLY B 222 -25.63 -1.56 -14.26
CA GLY B 222 -24.92 -0.57 -15.08
C GLY B 222 -25.20 0.90 -14.86
N LYS B 223 -26.21 1.21 -14.05
CA LYS B 223 -26.53 2.61 -13.81
C LYS B 223 -25.29 3.32 -13.24
N THR B 224 -24.65 2.70 -12.26
CA THR B 224 -23.45 3.28 -11.69
C THR B 224 -22.37 2.25 -11.48
N TYR B 225 -21.15 2.74 -11.33
CA TYR B 225 -19.99 1.90 -11.14
C TYR B 225 -19.74 1.69 -9.64
N ASN B 226 -19.59 0.44 -9.20
CA ASN B 226 -19.32 0.20 -7.79
C ASN B 226 -17.82 0.38 -7.52
N LEU B 227 -17.07 0.74 -8.56
CA LEU B 227 -15.62 0.98 -8.49
C LEU B 227 -14.72 -0.27 -8.44
N CYS B 228 -15.33 -1.45 -8.50
CA CYS B 228 -14.55 -2.68 -8.49
C CYS B 228 -13.72 -2.93 -9.76
N HIS B 229 -12.47 -3.36 -9.58
CA HIS B 229 -11.61 -3.69 -10.70
C HIS B 229 -10.57 -4.71 -10.25
N PHE B 230 -9.93 -5.37 -11.21
CA PHE B 230 -8.90 -6.37 -10.94
C PHE B 230 -7.58 -5.61 -10.93
N TRP B 231 -6.68 -5.96 -10.01
CA TRP B 231 -5.39 -5.29 -9.91
C TRP B 231 -4.56 -5.68 -11.12
N SER B 232 -4.14 -4.70 -11.92
CA SER B 232 -3.38 -5.01 -13.12
C SER B 232 -1.91 -5.42 -12.92
N ASN B 233 -1.33 -5.22 -11.75
CA ASN B 233 0.07 -5.60 -11.55
C ASN B 233 0.23 -7.10 -11.71
N PHE B 234 -0.85 -7.83 -11.52
CA PHE B 234 -0.81 -9.27 -11.73
C PHE B 234 -1.89 -9.62 -12.77
N GLU B 235 -1.44 -10.00 -13.95
CA GLU B 235 -2.32 -10.41 -15.04
C GLU B 235 -1.73 -11.57 -15.85
N ILE B 236 -2.54 -12.59 -16.09
CA ILE B 236 -2.13 -13.70 -16.93
C ILE B 236 -3.30 -13.72 -17.90
N ALA B 237 -3.10 -13.16 -19.09
CA ALA B 237 -4.18 -13.05 -20.06
C ALA B 237 -3.81 -13.30 -21.51
N ASN B 238 -4.85 -13.41 -22.33
CA ASN B 238 -4.70 -13.65 -23.76
C ASN B 238 -4.64 -12.29 -24.46
N LEU B 239 -3.50 -12.01 -25.06
CA LEU B 239 -3.28 -10.76 -25.76
C LEU B 239 -4.32 -10.45 -26.82
N ASN B 240 -4.91 -11.48 -27.41
CA ASN B 240 -5.90 -11.28 -28.46
C ASN B 240 -7.15 -10.53 -27.97
N LEU B 241 -7.36 -10.50 -26.65
CA LEU B 241 -8.50 -9.77 -26.12
C LEU B 241 -8.25 -8.28 -26.37
N TRP B 242 -7.07 -7.80 -25.97
CA TRP B 242 -6.77 -6.38 -26.15
C TRP B 242 -6.67 -6.06 -27.64
N ARG B 243 -6.29 -7.07 -28.42
CA ARG B 243 -6.14 -6.91 -29.86
C ARG B 243 -7.45 -6.96 -30.63
N SER B 244 -8.54 -7.27 -29.94
CA SER B 244 -9.82 -7.36 -30.62
C SER B 244 -10.42 -5.99 -30.99
N PRO B 245 -11.32 -5.97 -31.98
CA PRO B 245 -11.95 -4.70 -32.39
C PRO B 245 -12.63 -4.00 -31.20
N ALA B 246 -13.36 -4.76 -30.41
CA ALA B 246 -14.05 -4.20 -29.25
C ALA B 246 -13.11 -3.39 -28.35
N TYR B 247 -12.02 -4.02 -27.90
CA TYR B 247 -11.09 -3.31 -27.03
C TYR B 247 -10.39 -2.15 -27.71
N ARG B 248 -10.00 -2.34 -28.98
CA ARG B 248 -9.32 -1.26 -29.70
C ARG B 248 -10.22 -0.04 -29.74
N GLU B 249 -11.48 -0.24 -30.11
CA GLU B 249 -12.46 0.85 -30.18
C GLU B 249 -12.71 1.47 -28.81
N TYR B 250 -12.75 0.64 -27.78
CA TYR B 250 -12.96 1.12 -26.42
C TYR B 250 -11.79 2.00 -26.00
N PHE B 251 -10.56 1.49 -26.12
CA PHE B 251 -9.41 2.28 -25.75
C PHE B 251 -9.34 3.60 -26.51
N ASP B 252 -9.65 3.56 -27.81
N ASP B 252 -9.65 3.55 -27.81
CA ASP B 252 -9.62 4.77 -28.62
CA ASP B 252 -9.63 4.77 -28.62
C ASP B 252 -10.62 5.79 -28.07
C ASP B 252 -10.63 5.79 -28.06
N THR B 253 -11.80 5.30 -27.65
CA THR B 253 -12.83 6.19 -27.11
C THR B 253 -12.32 6.86 -25.83
N LEU B 254 -11.70 6.07 -24.96
CA LEU B 254 -11.16 6.61 -23.72
C LEU B 254 -10.05 7.61 -24.02
N ASP B 255 -9.16 7.23 -24.93
CA ASP B 255 -8.02 8.07 -25.31
C ASP B 255 -8.48 9.46 -25.74
N HIS B 256 -9.54 9.53 -26.56
CA HIS B 256 -10.04 10.83 -26.99
C HIS B 256 -10.89 11.55 -25.94
N GLN B 257 -11.42 10.83 -24.95
CA GLN B 257 -12.22 11.52 -23.96
C GLN B 257 -11.27 12.41 -23.12
N GLY B 258 -10.09 11.89 -22.78
CA GLY B 258 -9.13 12.70 -22.04
C GLY B 258 -8.77 12.29 -20.62
N GLY B 259 -9.59 11.44 -20.01
CA GLY B 259 -9.34 10.98 -18.66
C GLY B 259 -7.95 10.52 -18.23
N PHE B 260 -7.15 9.92 -19.10
CA PHE B 260 -5.83 9.50 -18.66
C PHE B 260 -5.01 10.69 -18.17
N PHE B 261 -5.23 11.85 -18.78
CA PHE B 261 -4.49 13.05 -18.42
C PHE B 261 -5.31 14.12 -17.68
N TYR B 262 -6.61 14.18 -17.93
CA TYR B 262 -7.45 15.19 -17.26
C TYR B 262 -7.98 14.69 -15.92
N GLU B 263 -7.88 13.39 -15.69
CA GLU B 263 -8.27 12.80 -14.42
C GLU B 263 -7.02 11.97 -14.10
N ARG B 264 -7.15 10.70 -13.74
CA ARG B 264 -5.96 9.86 -13.50
C ARG B 264 -6.34 8.42 -13.71
N TRP B 265 -6.96 8.14 -14.86
CA TRP B 265 -7.41 6.79 -15.18
C TRP B 265 -6.30 5.75 -15.14
N GLY B 266 -6.48 4.73 -14.31
CA GLY B 266 -5.50 3.66 -14.23
C GLY B 266 -5.84 2.60 -15.26
N ASP B 267 -4.84 1.80 -15.64
CA ASP B 267 -5.10 0.76 -16.60
C ASP B 267 -5.92 -0.37 -15.97
N ALA B 268 -5.79 -0.57 -14.67
CA ALA B 268 -6.52 -1.66 -14.04
C ALA B 268 -8.03 -1.46 -14.23
N PRO B 269 -8.59 -0.26 -13.90
CA PRO B 269 -10.04 -0.14 -14.12
C PRO B 269 -10.40 -0.28 -15.59
N VAL B 270 -9.54 0.24 -16.45
CA VAL B 270 -9.76 0.15 -17.89
C VAL B 270 -9.77 -1.30 -18.37
N HIS B 271 -8.74 -2.07 -18.02
CA HIS B 271 -8.69 -3.49 -18.43
C HIS B 271 -9.89 -4.26 -17.88
N SER B 272 -10.28 -3.91 -16.67
CA SER B 272 -11.36 -4.60 -15.96
C SER B 272 -12.74 -4.37 -16.52
N ILE B 273 -13.06 -3.12 -16.85
CA ILE B 273 -14.37 -2.84 -17.42
C ILE B 273 -14.50 -3.60 -18.76
N ALA B 274 -13.44 -3.59 -19.56
CA ALA B 274 -13.47 -4.28 -20.84
C ALA B 274 -13.66 -5.80 -20.66
N ALA B 275 -12.84 -6.40 -19.81
CA ALA B 275 -12.93 -7.85 -19.57
C ALA B 275 -14.31 -8.24 -19.05
N ALA B 276 -14.81 -7.51 -18.08
CA ALA B 276 -16.13 -7.80 -17.49
C ALA B 276 -17.33 -7.51 -18.41
N LEU B 277 -17.16 -6.66 -19.41
CA LEU B 277 -18.29 -6.36 -20.30
C LEU B 277 -18.26 -7.06 -21.66
N PHE B 278 -17.06 -7.19 -22.23
CA PHE B 278 -16.88 -7.77 -23.57
C PHE B 278 -16.76 -9.30 -23.69
N LEU B 279 -16.52 -10.00 -22.59
CA LEU B 279 -16.34 -11.44 -22.62
C LEU B 279 -17.44 -12.20 -21.91
N PRO B 280 -17.59 -13.49 -22.26
CA PRO B 280 -18.59 -14.31 -21.57
C PRO B 280 -17.87 -14.44 -20.23
N LYS B 281 -18.60 -14.35 -19.13
CA LYS B 281 -17.95 -14.38 -17.83
C LYS B 281 -17.11 -15.63 -17.53
N ASP B 282 -17.43 -16.77 -18.12
CA ASP B 282 -16.60 -17.94 -17.82
C ASP B 282 -15.22 -17.85 -18.45
N LYS B 283 -14.93 -16.72 -19.11
CA LYS B 283 -13.61 -16.53 -19.70
C LYS B 283 -12.66 -15.77 -18.75
N ILE B 284 -13.20 -15.26 -17.66
CA ILE B 284 -12.40 -14.55 -16.64
C ILE B 284 -12.09 -15.58 -15.52
N HIS B 285 -10.86 -15.59 -15.02
CA HIS B 285 -10.47 -16.55 -13.98
C HIS B 285 -9.66 -15.99 -12.79
N TYR B 286 -10.08 -16.35 -11.57
CA TYR B 286 -9.39 -15.92 -10.35
C TYR B 286 -8.46 -17.03 -9.88
N PHE B 287 -7.17 -16.71 -9.78
CA PHE B 287 -6.18 -17.70 -9.34
C PHE B 287 -6.13 -17.80 -7.83
N SER B 288 -7.11 -18.48 -7.27
CA SER B 288 -7.22 -18.67 -5.83
C SER B 288 -6.05 -19.45 -5.29
N ASP B 289 -5.32 -20.14 -6.17
CA ASP B 289 -4.19 -20.98 -5.76
C ASP B 289 -2.81 -20.34 -5.86
N ILE B 290 -2.72 -19.13 -6.40
CA ILE B 290 -1.41 -18.48 -6.54
C ILE B 290 -1.18 -17.42 -5.45
N GLY B 291 -0.22 -17.68 -4.56
CA GLY B 291 0.10 -16.75 -3.49
C GLY B 291 0.84 -15.58 -4.12
N TYR B 292 0.42 -14.36 -3.80
CA TYR B 292 1.02 -13.18 -4.39
C TYR B 292 0.96 -11.94 -3.48
N HIS B 293 1.94 -11.06 -3.62
CA HIS B 293 1.94 -9.83 -2.85
C HIS B 293 2.42 -8.74 -3.76
N HIS B 294 1.68 -7.63 -3.75
CA HIS B 294 2.09 -6.43 -4.46
C HIS B 294 1.78 -5.42 -3.35
N PRO B 295 2.79 -4.66 -2.87
CA PRO B 295 2.50 -3.71 -1.78
C PRO B 295 1.24 -2.88 -2.05
N PRO B 296 0.31 -2.82 -1.08
CA PRO B 296 0.38 -3.45 0.23
C PRO B 296 -0.55 -4.64 0.50
N TYR B 297 -1.09 -5.28 -0.53
CA TYR B 297 -2.04 -6.41 -0.33
C TYR B 297 -1.61 -7.80 -0.82
N ASP B 298 -2.08 -8.81 -0.11
CA ASP B 298 -1.77 -10.22 -0.46
C ASP B 298 -2.97 -11.01 -1.00
N ASN B 299 -2.66 -12.04 -1.78
CA ASN B 299 -3.64 -13.03 -2.24
C ASN B 299 -2.92 -14.25 -1.67
N CYS B 300 -3.51 -14.88 -0.66
CA CYS B 300 -2.88 -16.01 -0.01
C CYS B 300 -3.85 -17.18 -0.05
N PRO B 301 -3.45 -18.28 -0.70
CA PRO B 301 -4.29 -19.47 -0.82
C PRO B 301 -4.98 -19.87 0.47
N LEU B 302 -6.31 -19.84 0.44
CA LEU B 302 -7.11 -20.17 1.61
C LEU B 302 -7.33 -21.69 1.76
N ASP B 303 -7.24 -22.44 0.67
CA ASP B 303 -7.41 -23.89 0.74
C ASP B 303 -6.16 -24.51 1.38
N LYS B 304 -6.38 -25.26 2.45
CA LYS B 304 -5.31 -25.89 3.20
C LYS B 304 -4.37 -26.76 2.37
N GLU B 305 -4.95 -27.69 1.62
CA GLU B 305 -4.17 -28.59 0.79
C GLU B 305 -3.33 -27.81 -0.22
N VAL B 306 -3.93 -26.79 -0.83
CA VAL B 306 -3.20 -25.97 -1.78
C VAL B 306 -2.07 -25.24 -1.05
N TYR B 307 -2.42 -24.58 0.05
CA TYR B 307 -1.43 -23.84 0.84
C TYR B 307 -0.23 -24.70 1.25
N ASN B 308 -0.52 -25.89 1.78
CA ASN B 308 0.55 -26.78 2.22
C ASN B 308 1.31 -27.43 1.09
N SER B 309 0.59 -28.01 0.12
CA SER B 309 1.23 -28.68 -1.01
C SER B 309 2.20 -27.79 -1.77
N ASN B 310 1.89 -26.51 -1.84
CA ASN B 310 2.73 -25.58 -2.57
C ASN B 310 3.65 -24.78 -1.64
N ASN B 311 3.75 -25.21 -0.38
CA ASN B 311 4.62 -24.58 0.60
C ASN B 311 4.52 -23.05 0.66
N CYS B 312 3.30 -22.55 0.70
CA CYS B 312 3.05 -21.12 0.74
C CYS B 312 3.76 -20.45 1.92
N GLU B 313 4.26 -19.23 1.68
CA GLU B 313 4.99 -18.45 2.69
C GLU B 313 4.24 -17.24 3.25
N CYS B 314 2.97 -17.08 2.90
CA CYS B 314 2.18 -15.95 3.38
C CYS B 314 1.34 -16.31 4.60
N ASP B 315 0.80 -15.28 5.24
CA ASP B 315 -0.06 -15.51 6.41
C ASP B 315 -1.47 -15.57 5.84
N GLN B 316 -2.10 -16.75 5.89
CA GLN B 316 -3.47 -16.85 5.37
C GLN B 316 -4.34 -15.76 5.98
N GLY B 317 -4.07 -15.42 7.25
CA GLY B 317 -4.85 -14.41 7.91
C GLY B 317 -4.75 -13.01 7.34
N ASN B 318 -3.81 -12.76 6.44
CA ASN B 318 -3.73 -11.43 5.86
C ASN B 318 -4.18 -11.42 4.41
N ASP B 319 -4.85 -12.50 3.98
CA ASP B 319 -5.35 -12.57 2.60
C ASP B 319 -6.31 -11.39 2.45
N PHE B 320 -6.14 -10.61 1.39
CA PHE B 320 -7.00 -9.45 1.18
C PHE B 320 -8.33 -9.82 0.52
N THR B 321 -8.32 -10.89 -0.28
CA THR B 321 -9.50 -11.30 -1.06
C THR B 321 -10.88 -10.92 -0.54
N PHE B 322 -11.23 -11.38 0.65
CA PHE B 322 -12.54 -11.07 1.17
C PHE B 322 -12.68 -9.91 2.11
N GLN B 323 -11.68 -9.03 2.17
CA GLN B 323 -11.79 -7.85 3.03
C GLN B 323 -12.79 -6.93 2.35
N GLY B 324 -13.45 -6.09 3.14
CA GLY B 324 -14.47 -5.21 2.60
C GLY B 324 -14.10 -4.35 1.42
N TYR B 325 -12.92 -3.75 1.49
CA TYR B 325 -12.43 -2.85 0.45
C TYR B 325 -11.95 -3.61 -0.81
N SER B 326 -11.72 -4.91 -0.66
CA SER B 326 -11.33 -5.79 -1.77
C SER B 326 -12.64 -6.06 -2.53
N CYS B 327 -12.56 -6.60 -3.75
CA CYS B 327 -13.79 -6.93 -4.50
C CYS B 327 -13.93 -8.45 -4.72
N GLY B 328 -13.25 -9.23 -3.90
CA GLY B 328 -13.34 -10.68 -4.04
C GLY B 328 -14.77 -11.15 -3.78
N LYS B 329 -15.46 -10.52 -2.83
CA LYS B 329 -16.84 -10.90 -2.56
C LYS B 329 -17.67 -10.66 -3.82
N GLU B 330 -17.60 -9.43 -4.33
CA GLU B 330 -18.32 -9.05 -5.54
C GLU B 330 -17.98 -10.01 -6.68
N TYR B 331 -16.71 -10.39 -6.79
CA TYR B 331 -16.29 -11.30 -7.84
C TYR B 331 -16.95 -12.68 -7.69
N TYR B 332 -16.81 -13.28 -6.53
CA TYR B 332 -17.42 -14.60 -6.34
C TYR B 332 -18.92 -14.60 -6.64
N ASP B 333 -19.63 -13.62 -6.10
CA ASP B 333 -21.06 -13.55 -6.33
C ASP B 333 -21.42 -13.37 -7.79
N ALA B 334 -20.63 -12.61 -8.53
CA ALA B 334 -20.92 -12.41 -9.95
C ALA B 334 -20.69 -13.70 -10.77
N GLN B 335 -19.68 -14.47 -10.40
CA GLN B 335 -19.35 -15.71 -11.09
C GLN B 335 -20.18 -16.89 -10.60
N GLY B 336 -20.81 -16.74 -9.44
CA GLY B 336 -21.58 -17.84 -8.88
C GLY B 336 -20.67 -18.85 -8.20
N LEU B 337 -19.49 -18.41 -7.79
CA LEU B 337 -18.53 -19.27 -7.10
C LEU B 337 -18.87 -19.29 -5.63
N VAL B 338 -18.80 -20.47 -5.02
CA VAL B 338 -19.10 -20.56 -3.61
C VAL B 338 -17.94 -20.01 -2.81
N LYS B 339 -18.18 -18.98 -2.00
CA LYS B 339 -17.13 -18.39 -1.18
C LYS B 339 -16.69 -19.37 -0.09
N PRO B 340 -15.40 -19.31 0.33
CA PRO B 340 -14.95 -20.22 1.38
C PRO B 340 -15.74 -19.94 2.66
N LYS B 341 -15.86 -20.97 3.50
CA LYS B 341 -16.62 -20.88 4.74
C LYS B 341 -16.24 -19.72 5.63
N ASN B 342 -14.94 -19.51 5.80
CA ASN B 342 -14.48 -18.44 6.68
C ASN B 342 -14.34 -17.05 6.04
N TRP B 343 -15.05 -16.79 4.93
CA TRP B 343 -14.90 -15.50 4.27
C TRP B 343 -15.28 -14.30 5.14
N LYS B 344 -16.26 -14.50 6.03
CA LYS B 344 -16.69 -13.39 6.88
C LYS B 344 -15.67 -12.94 7.91
N LYS B 345 -14.78 -13.84 8.31
CA LYS B 345 -13.78 -13.48 9.29
C LYS B 345 -12.93 -12.32 8.77
N PHE B 346 -12.74 -12.30 7.45
CA PHE B 346 -11.95 -11.24 6.83
C PHE B 346 -12.67 -9.88 6.85
N ARG B 347 -13.93 -9.87 7.28
CA ARG B 347 -14.73 -8.64 7.39
C ARG B 347 -14.86 -8.16 8.85
N GLU B 348 -14.01 -8.68 9.74
CA GLU B 348 -14.04 -8.32 11.16
C GLU B 348 -13.24 -7.06 11.48
#